data_9JFY
#
_entry.id   9JFY
#
_cell.length_a   1.00
_cell.length_b   1.00
_cell.length_c   1.00
_cell.angle_alpha   90.00
_cell.angle_beta   90.00
_cell.angle_gamma   90.00
#
_symmetry.space_group_name_H-M   'P 1'
#
loop_
_entity.id
_entity.type
_entity.pdbx_description
1 polymer 'Isoform 2 of Neuropeptide FF receptor 2'
2 polymer 'Neuropeptide SF'
3 polymer 'Guanine nucleotide-binding protein G(i) subunit alpha-1'
4 polymer 'Guanine nucleotide-binding protein G(I)/G(S)/G(T) subunit beta-1'
5 polymer 'Guanine nucleotide-binding protein G(I)/G(S)/G(O) subunit gamma-2'
6 polymer 'single-chain antibody Fv fragment (scFv16)'
#
loop_
_entity_poly.entity_id
_entity_poly.type
_entity_poly.pdbx_seq_one_letter_code
_entity_poly.pdbx_strand_id
1 'polypeptide(L)'
;DYKDDDDASSENWHPIWNVNDTKHHLYSDINITYVNYYLHQPQVAAIFIISYFLIFFLCMMGNTVVCFIVMRNKHMHTVT
NLFILNLAISDLLVGIFCMPITLLDNIIAGWPFGNTMCKISGLVQGISVAASVFTLVAIAVDRFQCVVYPFKPKLTIKTA
FVIIMIIWVLAITIMSPSAVMLHVQEEKYYRVRLNSQNKTSPVYWCREDWPNQEMRKIYTTVLFANIYLAPLSLIVIMYG
RIGISLFRAAVPHTGRKNQEQWHVVSRKKQKIIKMLLIVALLFILSWLPLWTLMMLSDYADLSPNELQIINIYIYPFAHW
LAFGNSSVNPIIYGFFNENFRRGFQEAFQLQLCQKRAKPMEAYALKAKSHVLINTSNQLVQESTFQNPHGETLLYRKSAE
KPQQELVMEELKETTNSSEIHMGLEVLFQ
;
R
2 'polypeptide(L)' SQAFLFQPQRF(NH2) L
3 'polypeptide(L)'
;MGCTLSAEDKAAVERSKMIDRNLREDGEKAAREVKLLLLGAGESGKSTIVKQMKIIHEAGYSEEECKQYKAVVYSNTIQS
IIAIIRAMGRLKIDFGDSARADDARQLFVLAGAAEEGFMTAELAGVIKRLWKDSGVQACFNRSREYQLNDSAAYYLNDLD
RIAQPNYIPTQQDVLRTRVKTTGIVETHFTFKDLHFKMFDVGGQRSERKKWIHCFEGVTAIIFCVALSDYDLVLAEDEEM
NRMHESMKLFDSICNNKWFTDTSIILFLNKKDLFEEKIKKSPLTICYPEYAGSNTYEEAAAYIQCQFEDLNKRKDTKEIY
THFTCATDTKNVQFVFDAVTDVIIKNNLKDCGLF
;
A
4 'polypeptide(L)'
;GPGSSGSELDQLRQEAEQLKNQIRDARKACADATLSQITNNIDPVGRIQMRTRRTLRGHLAKIYAMHWGTDSRLLVSASQ
DGKLIIWDSYTTNKVHAIPLRSSWVMTCAYAPSGNYVACGGLDNICSIYNLKTREGNVRVSRELAGHTGYLSCCRFLDDN
QIVTSSGDTTCALWDIETGQQTTTFTGHTGDVMSLSLAPDTRLFVSGACDASAKLWDVREGMCRQTFTGHESDINAICFF
PNGNAFATGSDDATCRLFDLRADQELMTYSHDNIICGITSVSFSKSGRLLLAGYDDFNCNVWDALKADRAGVLAGHDNRV
SCLGVTDDGMAVATGSWDSFLKIWN
;
B
5 'polypeptide(L)' MASNNTASIAQARKLVEQLKMEANIDRIKVSKAAADLMAYCEAHAKEDPLLTPVPASENPFREKKFFCAIL G
6 'polypeptide(L)'
;DVQLVESGGGLVQPGGSRKLSCSASGFAFSSFGMHWVRQAPEKGLEWVAYISSGSGTIYYADTVKGRFTISRDDPKNTLF
LQMTSLRSEDTAMYYCVRSIYYYGSSPFDFWGQGTTLTVSSGGGGSGGGGSGGGGSDIVMTQATSSVPVTPGESVSISCR
SSKSLLHSNGNTYLYWFLQRPGQSPQLLIYRMSNLASGVPDRFSGSGSGTAFTLTISRLEAEDVGVYYCMQHLEYPLTFG
AGTKLELKAAAHHHHHHHH
;
S
#
# COMPACT_ATOMS: atom_id res chain seq x y z
N ILE A 30 -38.28 32.57 -61.63
CA ILE A 30 -37.39 32.46 -60.48
C ILE A 30 -36.03 31.96 -60.91
N ASN A 31 -34.99 32.76 -60.64
CA ASN A 31 -33.64 32.36 -60.99
C ASN A 31 -33.16 31.25 -60.05
N ILE A 32 -32.63 30.17 -60.63
CA ILE A 32 -32.14 29.04 -59.86
C ILE A 32 -30.71 28.73 -60.30
N THR A 33 -29.92 28.23 -59.35
CA THR A 33 -28.49 28.00 -59.56
C THR A 33 -28.21 26.51 -59.56
N TYR A 34 -27.53 26.05 -60.61
CA TYR A 34 -27.17 24.64 -60.77
C TYR A 34 -25.68 24.47 -60.50
N VAL A 35 -25.33 23.48 -59.70
CA VAL A 35 -23.93 23.18 -59.39
C VAL A 35 -23.66 21.71 -59.63
N ASN A 36 -22.38 21.39 -59.79
CA ASN A 36 -21.97 20.01 -60.06
C ASN A 36 -21.96 19.19 -58.77
N TYR A 37 -21.94 17.87 -58.94
CA TYR A 37 -21.90 16.98 -57.78
C TYR A 37 -20.59 17.15 -57.01
N TYR A 38 -19.46 17.10 -57.69
CA TYR A 38 -18.17 17.38 -57.09
C TYR A 38 -17.90 18.87 -57.24
N LEU A 39 -17.96 19.59 -56.11
CA LEU A 39 -17.98 21.04 -56.15
C LEU A 39 -16.69 21.62 -56.72
N HIS A 40 -15.55 21.06 -56.35
CA HIS A 40 -14.27 21.66 -56.66
C HIS A 40 -13.60 21.00 -57.86
N GLN A 41 -12.63 21.70 -58.42
CA GLN A 41 -11.82 21.18 -59.51
C GLN A 41 -10.89 20.09 -59.00
N PRO A 42 -10.40 19.22 -59.88
CA PRO A 42 -9.53 18.13 -59.41
C PRO A 42 -8.29 18.60 -58.69
N GLN A 43 -7.71 19.75 -59.09
CA GLN A 43 -6.50 20.24 -58.43
C GLN A 43 -6.79 20.69 -57.01
N VAL A 44 -7.83 21.50 -56.82
CA VAL A 44 -8.15 21.99 -55.49
C VAL A 44 -8.63 20.85 -54.61
N ALA A 45 -9.39 19.91 -55.17
CA ALA A 45 -9.78 18.73 -54.41
C ALA A 45 -8.56 17.93 -53.98
N ALA A 46 -7.59 17.76 -54.88
CA ALA A 46 -6.38 17.02 -54.53
C ALA A 46 -5.60 17.71 -53.43
N ILE A 47 -5.46 19.03 -53.49
CA ILE A 47 -4.70 19.73 -52.46
C ILE A 47 -5.44 19.67 -51.12
N PHE A 48 -6.77 19.76 -51.13
CA PHE A 48 -7.52 19.60 -49.89
C PHE A 48 -7.32 18.19 -49.31
N ILE A 49 -7.38 17.17 -50.17
CA ILE A 49 -7.23 15.80 -49.71
C ILE A 49 -5.85 15.60 -49.08
N ILE A 50 -4.81 16.09 -49.75
CA ILE A 50 -3.45 15.93 -49.23
C ILE A 50 -3.30 16.67 -47.90
N SER A 51 -3.80 17.90 -47.85
CA SER A 51 -3.64 18.73 -46.65
C SER A 51 -4.32 18.08 -45.45
N TYR A 52 -5.52 17.54 -45.63
CA TYR A 52 -6.20 16.91 -44.50
C TYR A 52 -5.62 15.54 -44.18
N PHE A 53 -5.19 14.78 -45.20
CA PHE A 53 -4.65 13.45 -44.95
C PHE A 53 -3.35 13.51 -44.17
N LEU A 54 -2.53 14.53 -44.43
CA LEU A 54 -1.27 14.65 -43.68
C LEU A 54 -1.53 14.73 -42.18
N ILE A 55 -2.40 15.65 -41.76
CA ILE A 55 -2.67 15.82 -40.34
C ILE A 55 -3.44 14.63 -39.79
N PHE A 56 -4.32 14.02 -40.58
CA PHE A 56 -5.03 12.83 -40.11
C PHE A 56 -4.06 11.69 -39.80
N PHE A 57 -3.11 11.46 -40.72
CA PHE A 57 -2.11 10.41 -40.52
C PHE A 57 -1.25 10.71 -39.31
N LEU A 58 -0.80 11.96 -39.17
CA LEU A 58 0.03 12.31 -38.03
C LEU A 58 -0.73 12.12 -36.72
N CYS A 59 -1.99 12.54 -36.68
CA CYS A 59 -2.78 12.41 -35.47
C CYS A 59 -2.97 10.94 -35.09
N MET A 60 -3.35 10.11 -36.07
CA MET A 60 -3.61 8.71 -35.76
C MET A 60 -2.33 8.02 -35.29
N MET A 61 -1.20 8.30 -35.94
CA MET A 61 0.05 7.67 -35.52
C MET A 61 0.47 8.13 -34.13
N GLY A 62 0.40 9.44 -33.87
CA GLY A 62 0.81 9.93 -32.56
C GLY A 62 -0.05 9.40 -31.44
N ASN A 63 -1.37 9.43 -31.62
CA ASN A 63 -2.26 8.93 -30.57
C ASN A 63 -2.10 7.43 -30.37
N THR A 64 -1.96 6.67 -31.46
CA THR A 64 -1.75 5.23 -31.33
C THR A 64 -0.47 4.92 -30.57
N VAL A 65 0.61 5.61 -30.90
CA VAL A 65 1.88 5.31 -30.25
C VAL A 65 1.85 5.73 -28.78
N VAL A 66 1.17 6.84 -28.47
CA VAL A 66 1.11 7.29 -27.08
C VAL A 66 0.29 6.30 -26.24
N CYS A 67 -0.87 5.88 -26.77
CA CYS A 67 -1.68 4.90 -26.05
C CYS A 67 -0.94 3.58 -25.90
N PHE A 68 -0.24 3.14 -26.95
CA PHE A 68 0.52 1.90 -26.88
C PHE A 68 1.60 1.98 -25.82
N ILE A 69 2.32 3.10 -25.75
CA ILE A 69 3.37 3.25 -24.75
C ILE A 69 2.78 3.25 -23.35
N VAL A 70 1.68 3.98 -23.15
CA VAL A 70 1.08 4.05 -21.81
C VAL A 70 0.59 2.67 -21.37
N MET A 71 -0.09 1.96 -22.26
CA MET A 71 -0.60 0.64 -21.92
C MET A 71 0.54 -0.36 -21.67
N ARG A 72 1.60 -0.28 -22.47
CA ARG A 72 2.72 -1.20 -22.29
C ARG A 72 3.40 -0.99 -20.95
N ASN A 73 3.56 0.26 -20.53
CA ASN A 73 4.24 0.58 -19.28
C ASN A 73 3.21 0.62 -18.16
N LYS A 74 3.05 -0.52 -17.47
CA LYS A 74 2.15 -0.58 -16.32
C LYS A 74 2.63 0.31 -15.19
N HIS A 75 3.95 0.49 -15.05
CA HIS A 75 4.48 1.31 -13.98
C HIS A 75 4.04 2.76 -14.11
N MET A 76 4.03 3.29 -15.33
CA MET A 76 3.61 4.67 -15.58
C MET A 76 2.10 4.74 -15.51
N HIS A 77 1.57 5.03 -14.32
CA HIS A 77 0.13 5.13 -14.12
C HIS A 77 -0.23 6.28 -13.20
N THR A 78 0.54 7.37 -13.24
CA THR A 78 0.29 8.51 -12.39
C THR A 78 -0.89 9.33 -12.91
N VAL A 79 -1.23 10.39 -12.19
CA VAL A 79 -2.36 11.23 -12.59
C VAL A 79 -2.05 11.97 -13.88
N THR A 80 -0.83 12.49 -14.02
CA THR A 80 -0.46 13.20 -15.24
C THR A 80 -0.50 12.28 -16.45
N ASN A 81 -0.02 11.04 -16.28
CA ASN A 81 -0.07 10.08 -17.37
C ASN A 81 -1.51 9.73 -17.72
N LEU A 82 -2.39 9.64 -16.72
CA LEU A 82 -3.80 9.40 -16.98
C LEU A 82 -4.41 10.55 -17.78
N PHE A 83 -4.08 11.80 -17.41
CA PHE A 83 -4.58 12.94 -18.17
C PHE A 83 -4.05 12.93 -19.60
N ILE A 84 -2.78 12.57 -19.78
CA ILE A 84 -2.21 12.50 -21.13
C ILE A 84 -2.92 11.43 -21.95
N LEU A 85 -3.22 10.29 -21.33
CA LEU A 85 -3.95 9.23 -22.02
C LEU A 85 -5.34 9.69 -22.42
N ASN A 86 -6.04 10.38 -21.53
CA ASN A 86 -7.36 10.91 -21.85
C ASN A 86 -7.29 11.90 -23.01
N LEU A 87 -6.27 12.77 -22.99
CA LEU A 87 -6.09 13.72 -24.08
C LEU A 87 -5.82 13.01 -25.40
N ALA A 88 -4.99 11.95 -25.36
CA ALA A 88 -4.71 11.19 -26.58
C ALA A 88 -5.96 10.53 -27.12
N ILE A 89 -6.79 9.97 -26.23
CA ILE A 89 -8.04 9.35 -26.68
C ILE A 89 -8.96 10.39 -27.30
N SER A 90 -9.07 11.55 -26.66
CA SER A 90 -9.92 12.62 -27.21
C SER A 90 -9.40 13.09 -28.57
N ASP A 91 -8.08 13.21 -28.71
CA ASP A 91 -7.50 13.63 -29.99
C ASP A 91 -7.73 12.58 -31.07
N LEU A 92 -7.66 11.29 -30.70
CA LEU A 92 -7.97 10.23 -31.65
C LEU A 92 -9.41 10.32 -32.11
N LEU A 93 -10.33 10.58 -31.18
CA LEU A 93 -11.73 10.77 -31.55
C LEU A 93 -11.90 11.97 -32.47
N VAL A 94 -11.19 13.06 -32.20
CA VAL A 94 -11.24 14.24 -33.07
C VAL A 94 -10.76 13.88 -34.47
N GLY A 95 -9.63 13.17 -34.55
CA GLY A 95 -9.08 12.82 -35.84
C GLY A 95 -9.94 11.85 -36.62
N ILE A 96 -10.71 11.02 -35.93
CA ILE A 96 -11.55 10.05 -36.62
C ILE A 96 -12.90 10.63 -37.03
N PHE A 97 -13.55 11.39 -36.15
CA PHE A 97 -14.92 11.83 -36.38
C PHE A 97 -15.04 13.24 -36.93
N CYS A 98 -13.94 13.94 -37.18
CA CYS A 98 -14.01 15.31 -37.67
C CYS A 98 -13.39 15.47 -39.05
N MET A 99 -12.14 15.05 -39.24
CA MET A 99 -11.44 15.33 -40.48
C MET A 99 -12.08 14.68 -41.70
N PRO A 100 -12.38 13.39 -41.74
CA PRO A 100 -12.91 12.81 -42.98
C PRO A 100 -14.29 13.32 -43.34
N ILE A 101 -15.19 13.45 -42.37
CA ILE A 101 -16.55 13.92 -42.65
C ILE A 101 -16.51 15.35 -43.16
N THR A 102 -15.73 16.23 -42.52
CA THR A 102 -15.69 17.61 -42.95
C THR A 102 -14.97 17.78 -44.29
N LEU A 103 -13.95 16.94 -44.56
CA LEU A 103 -13.32 16.97 -45.87
C LEU A 103 -14.29 16.53 -46.96
N LEU A 104 -15.07 15.48 -46.69
CA LEU A 104 -16.09 15.05 -47.65
C LEU A 104 -17.11 16.15 -47.87
N ASP A 105 -17.53 16.83 -46.81
CA ASP A 105 -18.47 17.93 -46.94
C ASP A 105 -17.90 19.06 -47.79
N ASN A 106 -16.61 19.37 -47.61
CA ASN A 106 -15.99 20.40 -48.42
C ASN A 106 -15.83 19.97 -49.87
N ILE A 107 -15.71 18.66 -50.12
CA ILE A 107 -15.47 18.19 -51.49
C ILE A 107 -16.78 18.11 -52.27
N ILE A 108 -17.72 17.28 -51.80
CA ILE A 108 -18.96 17.05 -52.53
C ILE A 108 -20.03 18.01 -52.04
N ALA A 109 -20.82 18.53 -52.97
CA ALA A 109 -21.80 19.56 -52.66
C ALA A 109 -22.94 19.00 -51.82
N GLY A 110 -23.44 19.84 -50.92
CA GLY A 110 -24.58 19.48 -50.10
C GLY A 110 -24.23 18.53 -48.97
N TRP A 111 -25.27 18.04 -48.31
CA TRP A 111 -25.14 17.06 -47.24
C TRP A 111 -25.89 15.79 -47.62
N PRO A 112 -25.21 14.79 -48.16
CA PRO A 112 -25.88 13.57 -48.60
C PRO A 112 -25.98 12.46 -47.57
N PHE A 113 -25.37 12.63 -46.38
CA PHE A 113 -25.32 11.55 -45.41
C PHE A 113 -26.69 11.26 -44.81
N GLY A 114 -27.40 12.29 -44.38
CA GLY A 114 -28.69 12.10 -43.74
C GLY A 114 -28.86 12.90 -42.47
N ASN A 115 -30.09 13.02 -41.98
CA ASN A 115 -30.35 13.84 -40.80
C ASN A 115 -29.82 13.18 -39.53
N THR A 116 -30.05 11.87 -39.38
CA THR A 116 -29.58 11.18 -38.18
C THR A 116 -28.07 11.22 -38.06
N MET A 117 -27.37 10.94 -39.17
CA MET A 117 -25.92 10.98 -39.15
C MET A 117 -25.41 12.39 -38.94
N CYS A 118 -26.10 13.40 -39.48
CA CYS A 118 -25.67 14.78 -39.25
C CYS A 118 -25.79 15.14 -37.77
N LYS A 119 -26.89 14.74 -37.13
CA LYS A 119 -27.05 14.99 -35.70
C LYS A 119 -25.95 14.29 -34.89
N ILE A 120 -25.69 13.03 -35.21
CA ILE A 120 -24.70 12.26 -34.47
C ILE A 120 -23.31 12.88 -34.63
N SER A 121 -22.95 13.24 -35.86
CA SER A 121 -21.66 13.85 -36.12
C SER A 121 -21.54 15.20 -35.44
N GLY A 122 -22.59 16.02 -35.50
CA GLY A 122 -22.54 17.32 -34.86
C GLY A 122 -22.37 17.22 -33.36
N LEU A 123 -22.97 16.20 -32.75
CA LEU A 123 -22.75 15.98 -31.32
C LEU A 123 -21.33 15.51 -31.04
N VAL A 124 -20.86 14.52 -31.80
CA VAL A 124 -19.60 13.86 -31.47
C VAL A 124 -18.41 14.80 -31.70
N GLN A 125 -18.44 15.56 -32.79
CA GLN A 125 -17.34 16.48 -33.07
C GLN A 125 -17.15 17.48 -31.95
N GLY A 126 -18.25 18.10 -31.52
CA GLY A 126 -18.17 19.03 -30.41
C GLY A 126 -17.72 18.37 -29.13
N ILE A 127 -18.24 17.18 -28.84
CA ILE A 127 -17.86 16.48 -27.62
C ILE A 127 -16.36 16.25 -27.58
N SER A 128 -15.81 15.72 -28.69
CA SER A 128 -14.39 15.42 -28.75
C SER A 128 -13.55 16.69 -28.64
N VAL A 129 -13.97 17.76 -29.33
CA VAL A 129 -13.21 19.01 -29.28
C VAL A 129 -13.16 19.56 -27.85
N ALA A 130 -14.32 19.56 -27.17
CA ALA A 130 -14.35 20.09 -25.81
C ALA A 130 -13.53 19.23 -24.86
N ALA A 131 -13.58 17.90 -25.01
CA ALA A 131 -12.76 17.04 -24.16
C ALA A 131 -11.28 17.32 -24.37
N SER A 132 -10.86 17.47 -25.63
CA SER A 132 -9.46 17.77 -25.92
C SER A 132 -9.05 19.11 -25.33
N VAL A 133 -9.90 20.12 -25.41
CA VAL A 133 -9.56 21.43 -24.86
C VAL A 133 -9.47 21.37 -23.34
N PHE A 134 -10.43 20.68 -22.69
CA PHE A 134 -10.48 20.67 -21.23
C PHE A 134 -9.32 19.87 -20.63
N THR A 135 -8.89 18.80 -21.30
CA THR A 135 -7.77 18.04 -20.76
C THR A 135 -6.50 18.88 -20.69
N LEU A 136 -6.34 19.86 -21.58
CA LEU A 136 -5.21 20.76 -21.51
C LEU A 136 -5.22 21.57 -20.23
N VAL A 137 -6.39 22.11 -19.85
CA VAL A 137 -6.49 22.87 -18.61
C VAL A 137 -6.24 21.96 -17.42
N ALA A 138 -6.73 20.73 -17.47
CA ALA A 138 -6.48 19.78 -16.39
C ALA A 138 -4.99 19.52 -16.21
N ILE A 139 -4.29 19.28 -17.32
CA ILE A 139 -2.86 19.02 -17.26
C ILE A 139 -2.11 20.24 -16.73
N ALA A 140 -2.49 21.43 -17.20
CA ALA A 140 -1.82 22.64 -16.77
C ALA A 140 -2.02 22.90 -15.28
N VAL A 141 -3.24 22.66 -14.78
CA VAL A 141 -3.48 22.86 -13.35
C VAL A 141 -2.74 21.82 -12.52
N ASP A 142 -2.61 20.59 -13.02
CA ASP A 142 -1.82 19.59 -12.31
C ASP A 142 -0.36 20.02 -12.21
N ARG A 143 0.21 20.48 -13.33
CA ARG A 143 1.60 20.92 -13.32
C ARG A 143 1.80 22.12 -12.40
N PHE A 144 0.86 23.07 -12.43
CA PHE A 144 0.95 24.23 -11.55
C PHE A 144 0.91 23.82 -10.08
N GLN A 145 -0.01 22.91 -9.74
CA GLN A 145 -0.10 22.44 -8.36
C GLN A 145 1.18 21.75 -7.93
N CYS A 146 1.77 20.94 -8.80
CA CYS A 146 2.95 20.18 -8.40
C CYS A 146 4.20 21.04 -8.36
N VAL A 147 4.28 22.09 -9.17
CA VAL A 147 5.50 22.91 -9.22
C VAL A 147 5.44 24.04 -8.20
N VAL A 148 4.37 24.83 -8.20
CA VAL A 148 4.29 25.99 -7.32
C VAL A 148 4.14 25.55 -5.87
N TYR A 149 3.32 24.52 -5.63
CA TYR A 149 3.09 24.02 -4.28
C TYR A 149 3.86 22.71 -4.10
N PRO A 150 5.05 22.74 -3.49
CA PRO A 150 5.86 21.52 -3.42
C PRO A 150 5.56 20.66 -2.19
N PHE A 151 4.89 21.26 -1.19
CA PHE A 151 4.65 20.58 0.08
C PHE A 151 3.22 20.07 0.22
N LYS A 152 2.26 20.63 -0.51
CA LYS A 152 0.89 20.19 -0.40
C LYS A 152 0.72 18.78 -0.96
N PRO A 153 -0.26 18.03 -0.46
CA PRO A 153 -0.44 16.66 -0.95
C PRO A 153 -0.83 16.62 -2.42
N LYS A 154 -0.39 15.55 -3.10
CA LYS A 154 -0.66 15.38 -4.51
C LYS A 154 -2.11 14.95 -4.74
N LEU A 155 -2.59 15.21 -5.95
CA LEU A 155 -3.93 14.78 -6.33
C LEU A 155 -4.02 13.27 -6.39
N THR A 156 -5.11 12.72 -5.88
CA THR A 156 -5.30 11.28 -5.86
C THR A 156 -5.91 10.80 -7.17
N ILE A 157 -5.83 9.48 -7.38
CA ILE A 157 -6.41 8.88 -8.58
C ILE A 157 -7.92 9.08 -8.60
N LYS A 158 -8.56 9.02 -7.43
CA LYS A 158 -10.00 9.24 -7.34
C LYS A 158 -10.37 10.61 -7.86
N THR A 159 -9.63 11.64 -7.43
CA THR A 159 -9.91 13.00 -7.88
C THR A 159 -9.66 13.15 -9.38
N ALA A 160 -8.61 12.52 -9.89
CA ALA A 160 -8.33 12.58 -11.33
C ALA A 160 -9.47 11.97 -12.13
N PHE A 161 -9.97 10.80 -11.71
CA PHE A 161 -11.06 10.17 -12.43
C PHE A 161 -12.34 10.98 -12.31
N VAL A 162 -12.59 11.58 -11.15
CA VAL A 162 -13.75 12.44 -10.98
C VAL A 162 -13.66 13.65 -11.92
N ILE A 163 -12.46 14.22 -12.06
CA ILE A 163 -12.28 15.34 -12.97
C ILE A 163 -12.50 14.92 -14.42
N ILE A 164 -12.02 13.74 -14.79
CA ILE A 164 -12.27 13.23 -16.14
C ILE A 164 -13.77 13.13 -16.40
N MET A 165 -14.50 12.53 -15.46
CA MET A 165 -15.94 12.41 -15.62
C MET A 165 -16.61 13.78 -15.69
N ILE A 166 -16.14 14.73 -14.89
CA ILE A 166 -16.77 16.05 -14.86
C ILE A 166 -16.54 16.79 -16.17
N ILE A 167 -15.35 16.63 -16.78
CA ILE A 167 -15.13 17.32 -18.05
C ILE A 167 -15.96 16.67 -19.16
N TRP A 168 -16.09 15.35 -19.16
CA TRP A 168 -16.96 14.71 -20.15
C TRP A 168 -18.41 15.17 -19.98
N VAL A 169 -18.87 15.24 -18.73
CA VAL A 169 -20.25 15.66 -18.45
C VAL A 169 -20.46 17.11 -18.86
N LEU A 170 -19.48 17.98 -18.59
CA LEU A 170 -19.59 19.38 -18.98
C LEU A 170 -19.64 19.53 -20.50
N ALA A 171 -18.84 18.74 -21.22
CA ALA A 171 -18.91 18.77 -22.68
C ALA A 171 -20.30 18.37 -23.16
N ILE A 172 -20.84 17.28 -22.60
CA ILE A 172 -22.17 16.84 -22.99
C ILE A 172 -23.19 17.93 -22.71
N THR A 173 -23.10 18.56 -21.54
CA THR A 173 -24.06 19.60 -21.17
C THR A 173 -23.97 20.79 -22.12
N ILE A 174 -22.77 21.20 -22.49
CA ILE A 174 -22.64 22.41 -23.30
C ILE A 174 -22.95 22.18 -24.77
N MET A 175 -22.82 20.96 -25.28
CA MET A 175 -23.09 20.73 -26.70
C MET A 175 -24.17 19.68 -26.96
N SER A 176 -25.07 19.47 -25.99
CA SER A 176 -26.33 18.79 -26.30
C SER A 176 -27.20 19.59 -27.27
N PRO A 177 -27.35 20.92 -27.10
CA PRO A 177 -28.20 21.67 -28.04
C PRO A 177 -27.80 21.55 -29.50
N SER A 178 -26.51 21.35 -29.79
CA SER A 178 -26.07 21.19 -31.16
C SER A 178 -26.74 19.98 -31.81
N ALA A 179 -26.80 18.86 -31.09
CA ALA A 179 -27.55 17.71 -31.57
C ALA A 179 -29.05 17.90 -31.41
N VAL A 180 -29.48 18.82 -30.55
CA VAL A 180 -30.92 19.08 -30.39
C VAL A 180 -31.49 19.73 -31.65
N MET A 181 -30.81 20.75 -32.16
CA MET A 181 -31.37 21.60 -33.20
C MET A 181 -30.80 21.36 -34.59
N LEU A 182 -29.96 20.33 -34.76
CA LEU A 182 -29.48 20.00 -36.09
C LEU A 182 -30.59 19.38 -36.91
N HIS A 183 -30.66 19.73 -38.20
CA HIS A 183 -31.70 19.19 -39.05
C HIS A 183 -31.33 19.46 -40.51
N VAL A 184 -31.66 18.51 -41.38
CA VAL A 184 -31.44 18.68 -42.81
C VAL A 184 -32.59 19.47 -43.41
N GLN A 185 -32.29 20.40 -44.31
CA GLN A 185 -33.31 21.18 -45.01
C GLN A 185 -33.19 20.92 -46.50
N GLU A 186 -34.34 20.79 -47.16
CA GLU A 186 -34.41 20.62 -48.60
C GLU A 186 -34.45 21.97 -49.29
N GLU A 187 -33.63 22.14 -50.32
CA GLU A 187 -33.51 23.40 -51.03
C GLU A 187 -34.33 23.38 -52.31
N LYS A 188 -34.65 24.58 -52.80
CA LYS A 188 -35.42 24.74 -54.03
C LYS A 188 -34.70 25.55 -55.09
N TYR A 189 -34.01 26.63 -54.71
CA TYR A 189 -33.31 27.45 -55.69
C TYR A 189 -31.98 26.83 -56.12
N TYR A 190 -31.35 26.05 -55.24
CA TYR A 190 -30.07 25.42 -55.53
C TYR A 190 -30.31 23.98 -55.96
N ARG A 191 -29.81 23.63 -57.15
CA ARG A 191 -29.96 22.29 -57.70
C ARG A 191 -28.59 21.75 -58.07
N VAL A 192 -28.52 20.43 -58.24
CA VAL A 192 -27.27 19.73 -58.48
C VAL A 192 -27.43 18.84 -59.70
N ARG A 193 -26.48 18.93 -60.64
CA ARG A 193 -26.42 17.96 -61.72
C ARG A 193 -25.81 16.66 -61.19
N LEU A 194 -26.34 15.54 -61.65
CA LEU A 194 -25.73 14.25 -61.36
C LEU A 194 -24.59 13.93 -62.33
N ASN A 195 -24.01 14.97 -62.94
CA ASN A 195 -22.83 14.89 -63.79
C ASN A 195 -23.15 14.26 -65.14
N SER A 196 -24.39 13.79 -65.31
CA SER A 196 -24.82 13.18 -66.56
C SER A 196 -26.33 13.01 -66.50
N GLN A 197 -26.91 12.62 -67.64
CA GLN A 197 -28.34 12.31 -67.83
C GLN A 197 -29.26 13.42 -67.31
N ASN A 198 -28.69 14.60 -67.04
CA ASN A 198 -29.46 15.78 -66.62
C ASN A 198 -30.34 15.50 -65.40
N LYS A 199 -29.82 14.69 -64.48
CA LYS A 199 -30.53 14.46 -63.23
C LYS A 199 -30.35 15.69 -62.34
N THR A 200 -31.47 16.38 -62.08
CA THR A 200 -31.48 17.64 -61.35
C THR A 200 -31.86 17.40 -59.90
N SER A 201 -30.91 16.82 -59.17
CA SER A 201 -31.13 16.50 -57.77
C SER A 201 -31.29 17.78 -56.94
N PRO A 202 -32.07 17.73 -55.87
CA PRO A 202 -32.15 18.87 -54.95
C PRO A 202 -30.93 18.89 -54.04
N VAL A 203 -30.84 19.94 -53.23
CA VAL A 203 -29.72 20.14 -52.32
C VAL A 203 -30.21 19.92 -50.89
N TYR A 204 -29.55 19.02 -50.18
CA TYR A 204 -29.80 18.78 -48.77
C TYR A 204 -28.74 19.55 -47.98
N TRP A 205 -29.18 20.46 -47.12
CA TRP A 205 -28.28 21.32 -46.35
C TRP A 205 -28.62 21.13 -44.88
N CYS A 206 -27.79 20.35 -44.18
CA CYS A 206 -28.00 20.18 -42.75
C CYS A 206 -27.46 21.40 -42.01
N ARG A 207 -28.22 21.87 -41.02
CA ARG A 207 -27.87 23.11 -40.35
C ARG A 207 -28.47 23.08 -38.95
N GLU A 208 -27.91 23.91 -38.08
CA GLU A 208 -28.40 24.08 -36.71
C GLU A 208 -29.56 25.07 -36.74
N ASP A 209 -30.78 24.55 -36.83
CA ASP A 209 -31.96 25.41 -36.86
C ASP A 209 -32.08 26.19 -35.57
N TRP A 210 -32.54 27.44 -35.69
CA TRP A 210 -32.72 28.30 -34.54
C TRP A 210 -33.95 29.17 -34.78
N PRO A 211 -34.88 29.23 -33.83
CA PRO A 211 -36.03 30.12 -34.01
C PRO A 211 -35.64 31.58 -34.18
N ASN A 212 -34.54 32.00 -33.57
CA ASN A 212 -34.03 33.35 -33.72
C ASN A 212 -32.55 33.31 -34.06
N GLN A 213 -32.12 34.17 -34.97
CA GLN A 213 -30.69 34.32 -35.24
C GLN A 213 -29.94 34.78 -34.00
N GLU A 214 -30.61 35.56 -33.14
CA GLU A 214 -29.99 35.98 -31.89
C GLU A 214 -29.71 34.79 -30.99
N MET A 215 -30.57 33.78 -31.02
CA MET A 215 -30.34 32.57 -30.24
C MET A 215 -29.07 31.85 -30.70
N ARG A 216 -28.90 31.73 -32.02
CA ARG A 216 -27.69 31.11 -32.55
C ARG A 216 -26.46 31.94 -32.21
N LYS A 217 -26.58 33.26 -32.28
CA LYS A 217 -25.47 34.13 -31.90
C LYS A 217 -25.09 33.93 -30.44
N ILE A 218 -26.08 33.85 -29.56
CA ILE A 218 -25.81 33.65 -28.13
C ILE A 218 -25.14 32.31 -27.89
N TYR A 219 -25.62 31.25 -28.54
CA TYR A 219 -25.02 29.94 -28.35
C TYR A 219 -23.58 29.92 -28.87
N THR A 220 -23.33 30.54 -30.02
CA THR A 220 -21.97 30.59 -30.55
C THR A 220 -21.06 31.39 -29.62
N THR A 221 -21.56 32.49 -29.05
CA THR A 221 -20.77 33.25 -28.10
C THR A 221 -20.47 32.44 -26.85
N VAL A 222 -21.44 31.65 -26.39
CA VAL A 222 -21.22 30.79 -25.23
C VAL A 222 -20.14 29.76 -25.53
N LEU A 223 -20.20 29.13 -26.71
CA LEU A 223 -19.16 28.19 -27.09
C LEU A 223 -17.80 28.87 -27.18
N PHE A 224 -17.76 30.08 -27.73
CA PHE A 224 -16.50 30.82 -27.83
C PHE A 224 -15.90 31.09 -26.45
N ALA A 225 -16.74 31.54 -25.51
CA ALA A 225 -16.25 31.85 -24.17
C ALA A 225 -15.87 30.60 -23.40
N ASN A 226 -16.52 29.48 -23.67
CA ASN A 226 -16.31 28.27 -22.88
C ASN A 226 -15.24 27.34 -23.46
N ILE A 227 -14.82 27.54 -24.71
CA ILE A 227 -13.86 26.67 -25.36
C ILE A 227 -12.53 27.37 -25.60
N TYR A 228 -12.56 28.64 -26.01
CA TYR A 228 -11.33 29.33 -26.41
C TYR A 228 -10.84 30.34 -25.40
N LEU A 229 -11.73 31.09 -24.75
CA LEU A 229 -11.28 32.20 -23.92
C LEU A 229 -10.83 31.73 -22.53
N ALA A 230 -11.73 31.10 -21.78
CA ALA A 230 -11.41 30.70 -20.41
C ALA A 230 -10.26 29.70 -20.33
N PRO A 231 -10.21 28.63 -21.13
CA PRO A 231 -9.03 27.76 -21.08
C PRO A 231 -7.74 28.49 -21.39
N LEU A 232 -7.76 29.41 -22.35
CA LEU A 232 -6.57 30.19 -22.66
C LEU A 232 -6.13 31.03 -21.47
N SER A 233 -7.08 31.73 -20.84
CA SER A 233 -6.72 32.58 -19.70
C SER A 233 -6.15 31.75 -18.56
N LEU A 234 -6.80 30.62 -18.25
CA LEU A 234 -6.31 29.77 -17.16
C LEU A 234 -4.92 29.24 -17.47
N ILE A 235 -4.71 28.74 -18.69
CA ILE A 235 -3.44 28.15 -19.06
C ILE A 235 -2.33 29.19 -19.00
N VAL A 236 -2.58 30.38 -19.56
CA VAL A 236 -1.54 31.39 -19.61
C VAL A 236 -1.23 31.91 -18.21
N ILE A 237 -2.25 32.07 -17.36
CA ILE A 237 -2.00 32.56 -16.00
C ILE A 237 -1.20 31.55 -15.20
N MET A 238 -1.58 30.27 -15.29
CA MET A 238 -0.88 29.24 -14.52
C MET A 238 0.56 29.06 -15.02
N TYR A 239 0.77 29.14 -16.33
CA TYR A 239 2.12 29.01 -16.86
C TYR A 239 2.96 30.23 -16.49
N GLY A 240 2.37 31.42 -16.46
CA GLY A 240 3.09 32.58 -15.98
C GLY A 240 3.49 32.45 -14.53
N ARG A 241 2.58 31.93 -13.70
CA ARG A 241 2.93 31.70 -12.29
C ARG A 241 4.05 30.67 -12.16
N ILE A 242 4.00 29.60 -12.96
CA ILE A 242 5.06 28.60 -12.92
C ILE A 242 6.39 29.22 -13.30
N GLY A 243 6.40 30.03 -14.37
CA GLY A 243 7.63 30.66 -14.81
C GLY A 243 8.19 31.64 -13.78
N ILE A 244 7.31 32.43 -13.16
CA ILE A 244 7.77 33.37 -12.13
C ILE A 244 8.35 32.62 -10.94
N SER A 245 7.69 31.53 -10.53
CA SER A 245 8.19 30.75 -9.39
C SER A 245 9.53 30.11 -9.71
N LEU A 246 9.69 29.60 -10.95
CA LEU A 246 10.97 29.02 -11.34
C LEU A 246 12.06 30.09 -11.38
N PHE A 247 11.72 31.29 -11.85
CA PHE A 247 12.70 32.36 -11.95
C PHE A 247 13.22 32.77 -10.58
N ARG A 248 12.34 32.83 -9.59
CA ARG A 248 12.73 33.18 -8.23
C ARG A 248 13.65 32.14 -7.62
N VAL A 264 22.22 31.05 -11.46
CA VAL A 264 22.11 31.09 -12.91
C VAL A 264 20.95 30.22 -13.38
N VAL A 265 20.16 30.75 -14.30
CA VAL A 265 19.07 29.97 -14.88
C VAL A 265 19.67 28.84 -15.70
N SER A 266 19.35 27.61 -15.33
CA SER A 266 19.93 26.44 -15.98
C SER A 266 19.22 26.14 -17.29
N ARG A 267 19.81 25.24 -18.07
CA ARG A 267 19.21 24.84 -19.35
C ARG A 267 17.87 24.16 -19.14
N LYS A 268 17.70 23.45 -18.02
CA LYS A 268 16.44 22.81 -17.72
C LYS A 268 15.31 23.82 -17.56
N LYS A 269 15.57 24.88 -16.79
CA LYS A 269 14.55 25.91 -16.60
C LYS A 269 14.22 26.61 -17.90
N GLN A 270 15.25 26.93 -18.70
CA GLN A 270 15.01 27.58 -19.99
C GLN A 270 14.20 26.69 -20.92
N LYS A 271 14.50 25.39 -20.94
CA LYS A 271 13.73 24.47 -21.76
C LYS A 271 12.28 24.40 -21.31
N ILE A 272 12.05 24.37 -19.99
CA ILE A 272 10.68 24.33 -19.49
C ILE A 272 9.92 25.58 -19.88
N ILE A 273 10.55 26.75 -19.73
CA ILE A 273 9.90 28.01 -20.10
C ILE A 273 9.59 28.05 -21.58
N LYS A 274 10.55 27.61 -22.40
CA LYS A 274 10.33 27.58 -23.85
C LYS A 274 9.17 26.67 -24.22
N MET A 275 9.10 25.48 -23.61
CA MET A 275 8.01 24.56 -23.91
C MET A 275 6.67 25.16 -23.52
N LEU A 276 6.60 25.78 -22.34
CA LEU A 276 5.34 26.36 -21.88
C LEU A 276 4.88 27.50 -22.80
N LEU A 277 5.81 28.38 -23.16
CA LEU A 277 5.47 29.48 -24.06
C LEU A 277 5.03 28.97 -25.43
N ILE A 278 5.73 27.95 -25.93
CA ILE A 278 5.35 27.36 -27.21
C ILE A 278 3.94 26.79 -27.15
N VAL A 279 3.62 26.08 -26.07
CA VAL A 279 2.29 25.49 -25.94
C VAL A 279 1.22 26.58 -25.93
N ALA A 280 1.43 27.63 -25.13
CA ALA A 280 0.44 28.69 -25.03
C ALA A 280 0.24 29.39 -26.36
N LEU A 281 1.34 29.79 -27.02
CA LEU A 281 1.23 30.51 -28.28
C LEU A 281 0.62 29.64 -29.37
N LEU A 282 0.96 28.35 -29.39
CA LEU A 282 0.36 27.45 -30.37
C LEU A 282 -1.15 27.33 -30.15
N PHE A 283 -1.58 27.18 -28.90
CA PHE A 283 -3.01 27.07 -28.63
C PHE A 283 -3.74 28.35 -29.03
N ILE A 284 -3.11 29.50 -28.84
CA ILE A 284 -3.73 30.76 -29.27
C ILE A 284 -3.87 30.79 -30.79
N LEU A 285 -2.74 30.67 -31.49
CA LEU A 285 -2.69 30.98 -32.91
C LEU A 285 -3.38 29.92 -33.75
N SER A 286 -3.34 28.65 -33.35
CA SER A 286 -4.00 27.61 -34.12
C SER A 286 -5.51 27.78 -34.11
N TRP A 287 -6.08 28.09 -32.94
CA TRP A 287 -7.53 28.19 -32.82
C TRP A 287 -8.07 29.58 -33.16
N LEU A 288 -7.21 30.60 -33.28
CA LEU A 288 -7.73 31.93 -33.63
C LEU A 288 -8.49 31.96 -34.95
N PRO A 289 -8.01 31.39 -36.06
CA PRO A 289 -8.73 31.58 -37.34
C PRO A 289 -10.14 31.02 -37.34
N LEU A 290 -10.34 29.80 -36.83
CA LEU A 290 -11.66 29.18 -36.89
C LEU A 290 -12.68 29.96 -36.07
N TRP A 291 -12.32 30.33 -34.84
CA TRP A 291 -13.24 31.08 -34.01
C TRP A 291 -13.49 32.47 -34.59
N THR A 292 -12.46 33.09 -35.17
CA THR A 292 -12.65 34.38 -35.82
C THR A 292 -13.65 34.28 -36.97
N LEU A 293 -13.51 33.23 -37.80
CA LEU A 293 -14.43 33.06 -38.92
C LEU A 293 -15.85 32.80 -38.44
N MET A 294 -16.00 31.95 -37.41
CA MET A 294 -17.33 31.65 -36.90
C MET A 294 -18.01 32.89 -36.32
N MET A 295 -17.27 33.65 -35.51
CA MET A 295 -17.85 34.85 -34.91
C MET A 295 -18.13 35.91 -35.97
N LEU A 296 -17.28 36.03 -36.98
CA LEU A 296 -17.53 36.97 -38.06
C LEU A 296 -18.79 36.59 -38.84
N SER A 297 -18.96 35.29 -39.12
CA SER A 297 -20.13 34.85 -39.87
C SER A 297 -21.41 35.02 -39.07
N ASP A 298 -21.34 34.80 -37.75
CA ASP A 298 -22.54 34.92 -36.92
C ASP A 298 -22.76 36.31 -36.35
N TYR A 299 -21.85 37.24 -36.57
CA TYR A 299 -21.95 38.57 -35.99
C TYR A 299 -21.88 39.69 -37.01
N ALA A 300 -21.05 39.56 -38.03
CA ALA A 300 -20.84 40.62 -39.02
C ALA A 300 -21.62 40.30 -40.29
N ASP A 301 -22.38 41.28 -40.77
CA ASP A 301 -23.15 41.12 -42.00
C ASP A 301 -22.25 41.32 -43.20
N LEU A 302 -22.21 40.34 -44.09
CA LEU A 302 -21.37 40.37 -45.28
C LEU A 302 -22.22 40.11 -46.51
N SER A 303 -21.71 40.53 -47.67
CA SER A 303 -22.38 40.30 -48.93
C SER A 303 -22.33 38.82 -49.29
N PRO A 304 -23.28 38.34 -50.10
CA PRO A 304 -23.27 36.92 -50.47
C PRO A 304 -21.99 36.47 -51.15
N ASN A 305 -21.36 37.32 -51.95
CA ASN A 305 -20.14 36.93 -52.64
C ASN A 305 -19.02 36.64 -51.66
N GLU A 306 -18.74 37.58 -50.76
CA GLU A 306 -17.67 37.37 -49.79
C GLU A 306 -18.02 36.28 -48.78
N LEU A 307 -19.30 36.14 -48.44
CA LEU A 307 -19.70 35.05 -47.56
C LEU A 307 -19.44 33.69 -48.21
N GLN A 308 -19.77 33.55 -49.50
CA GLN A 308 -19.48 32.32 -50.21
C GLN A 308 -17.98 32.08 -50.31
N ILE A 309 -17.20 33.14 -50.55
CA ILE A 309 -15.75 33.01 -50.62
C ILE A 309 -15.20 32.49 -49.29
N ILE A 310 -15.68 33.06 -48.19
CA ILE A 310 -15.25 32.62 -46.86
C ILE A 310 -15.63 31.17 -46.63
N ASN A 311 -16.86 30.80 -46.97
CA ASN A 311 -17.36 29.48 -46.64
C ASN A 311 -16.79 28.39 -47.54
N ILE A 312 -16.28 28.74 -48.72
CA ILE A 312 -15.74 27.76 -49.65
C ILE A 312 -14.22 27.66 -49.56
N TYR A 313 -13.53 28.80 -49.53
CA TYR A 313 -12.08 28.82 -49.72
C TYR A 313 -11.29 28.89 -48.42
N ILE A 314 -11.67 29.74 -47.47
CA ILE A 314 -10.83 29.96 -46.30
C ILE A 314 -11.25 29.17 -45.07
N TYR A 315 -12.50 28.69 -45.01
CA TYR A 315 -12.87 27.77 -43.94
C TYR A 315 -12.05 26.49 -43.90
N PRO A 316 -11.74 25.82 -45.01
CA PRO A 316 -10.93 24.60 -44.92
C PRO A 316 -9.59 24.82 -44.26
N PHE A 317 -8.95 25.97 -44.48
CA PHE A 317 -7.66 26.22 -43.84
C PHE A 317 -7.80 26.39 -42.33
N ALA A 318 -8.83 27.10 -41.88
CA ALA A 318 -9.07 27.23 -40.45
C ALA A 318 -9.37 25.88 -39.81
N HIS A 319 -10.20 25.07 -40.47
CA HIS A 319 -10.48 23.72 -39.96
C HIS A 319 -9.20 22.89 -39.90
N TRP A 320 -8.36 23.00 -40.94
CA TRP A 320 -7.11 22.27 -40.97
C TRP A 320 -6.20 22.67 -39.82
N LEU A 321 -6.09 23.98 -39.56
CA LEU A 321 -5.26 24.43 -38.44
C LEU A 321 -5.80 23.93 -37.11
N ALA A 322 -7.12 24.03 -36.92
CA ALA A 322 -7.71 23.59 -35.65
C ALA A 322 -7.50 22.11 -35.43
N PHE A 323 -7.66 21.30 -36.48
CA PHE A 323 -7.47 19.86 -36.33
C PHE A 323 -6.00 19.50 -36.13
N GLY A 324 -5.10 20.19 -36.84
CA GLY A 324 -3.68 19.94 -36.66
C GLY A 324 -3.20 20.31 -35.27
N ASN A 325 -3.83 21.30 -34.65
CA ASN A 325 -3.47 21.66 -33.28
C ASN A 325 -3.68 20.48 -32.34
N SER A 326 -4.80 19.78 -32.45
CA SER A 326 -5.04 18.60 -31.63
C SER A 326 -4.20 17.42 -32.11
N SER A 327 -3.87 17.38 -33.40
CA SER A 327 -3.03 16.30 -33.93
C SER A 327 -1.63 16.37 -33.37
N VAL A 328 -1.10 17.58 -33.15
CA VAL A 328 0.28 17.73 -32.73
C VAL A 328 0.48 17.51 -31.23
N ASN A 329 -0.60 17.51 -30.45
CA ASN A 329 -0.47 17.36 -29.00
C ASN A 329 0.18 16.03 -28.59
N PRO A 330 -0.20 14.87 -29.15
CA PRO A 330 0.50 13.64 -28.76
C PRO A 330 2.00 13.69 -29.02
N ILE A 331 2.43 14.29 -30.13
CA ILE A 331 3.85 14.29 -30.45
C ILE A 331 4.63 15.16 -29.48
N ILE A 332 4.08 16.31 -29.07
CA ILE A 332 4.79 17.18 -28.15
C ILE A 332 4.79 16.59 -26.75
N TYR A 333 3.66 16.02 -26.32
CA TYR A 333 3.60 15.45 -24.98
C TYR A 333 4.28 14.08 -24.88
N GLY A 334 4.64 13.46 -26.00
CA GLY A 334 5.37 12.21 -25.94
C GLY A 334 6.82 12.33 -26.38
N PHE A 335 7.19 13.50 -26.90
CA PHE A 335 8.57 13.79 -27.30
C PHE A 335 9.31 14.68 -26.34
N PHE A 336 8.63 15.67 -25.75
CA PHE A 336 9.25 16.58 -24.81
C PHE A 336 9.08 16.14 -23.36
N ASN A 337 8.49 14.97 -23.14
CA ASN A 337 8.37 14.37 -21.82
C ASN A 337 9.45 13.31 -21.66
N GLU A 338 10.36 13.51 -20.71
CA GLU A 338 11.48 12.58 -20.54
C GLU A 338 11.02 11.19 -20.13
N ASN A 339 9.86 11.07 -19.49
CA ASN A 339 9.34 9.74 -19.15
C ASN A 339 9.02 8.93 -20.40
N PHE A 340 8.42 9.57 -21.40
CA PHE A 340 8.12 8.87 -22.64
C PHE A 340 9.38 8.66 -23.48
N ARG A 341 10.38 9.53 -23.34
CA ARG A 341 11.61 9.39 -24.10
C ARG A 341 12.33 8.09 -23.76
N ARG A 342 12.37 7.74 -22.48
CA ARG A 342 13.02 6.51 -22.05
C ARG A 342 12.12 5.29 -22.28
N SER B 1 -29.51 33.24 -41.68
CA SER B 1 -30.31 33.38 -42.89
C SER B 1 -30.80 32.03 -43.40
N GLN B 2 -31.35 32.02 -44.61
CA GLN B 2 -31.83 30.79 -45.24
C GLN B 2 -31.38 30.83 -46.70
N ALA B 3 -30.18 30.31 -46.97
CA ALA B 3 -29.61 30.24 -48.30
C ALA B 3 -28.41 29.33 -48.25
N PHE B 4 -28.29 28.46 -49.27
CA PHE B 4 -27.17 27.52 -49.32
C PHE B 4 -25.91 28.28 -49.72
N LEU B 5 -25.29 28.93 -48.73
CA LEU B 5 -24.03 29.62 -48.91
C LEU B 5 -22.84 28.69 -48.69
N PHE B 6 -23.04 27.37 -48.87
CA PHE B 6 -22.01 26.36 -48.68
C PHE B 6 -21.45 26.39 -47.26
N GLN B 7 -22.31 26.68 -46.30
CA GLN B 7 -21.89 26.79 -44.90
C GLN B 7 -21.55 25.41 -44.35
N PRO B 8 -20.34 25.18 -43.86
CA PRO B 8 -19.99 23.88 -43.30
C PRO B 8 -20.41 23.81 -41.83
N GLN B 9 -20.10 22.68 -41.20
CA GLN B 9 -20.42 22.49 -39.81
C GLN B 9 -19.58 23.41 -38.93
N ARG B 10 -20.04 23.60 -37.70
CA ARG B 10 -19.38 24.49 -36.76
C ARG B 10 -17.98 23.98 -36.38
N PHE B 11 -17.81 22.67 -36.41
CA PHE B 11 -16.55 22.06 -36.06
C PHE B 11 -16.12 21.03 -37.11
N CYS C 3 -25.85 -8.94 -0.87
CA CYS C 3 -25.58 -9.05 0.56
C CYS C 3 -24.51 -10.11 0.83
N THR C 4 -24.96 -11.31 1.18
CA THR C 4 -24.09 -12.46 1.48
C THR C 4 -23.10 -12.14 2.60
N LEU C 5 -23.48 -11.24 3.50
CA LEU C 5 -22.64 -10.87 4.63
C LEU C 5 -23.48 -10.87 5.90
N SER C 6 -22.91 -11.38 6.98
CA SER C 6 -23.58 -11.39 8.28
C SER C 6 -23.41 -10.04 8.97
N ALA C 7 -24.18 -9.85 10.04
CA ALA C 7 -24.13 -8.59 10.79
C ALA C 7 -22.75 -8.34 11.36
N GLU C 8 -22.15 -9.38 11.97
CA GLU C 8 -20.80 -9.25 12.51
C GLU C 8 -19.78 -9.02 11.41
N ASP C 9 -19.97 -9.64 10.25
CA ASP C 9 -19.07 -9.41 9.13
C ASP C 9 -19.14 -7.97 8.64
N LYS C 10 -20.35 -7.41 8.56
CA LYS C 10 -20.50 -6.00 8.18
C LYS C 10 -19.84 -5.08 9.21
N ALA C 11 -20.01 -5.39 10.49
CA ALA C 11 -19.36 -4.58 11.52
C ALA C 11 -17.83 -4.66 11.43
N ALA C 12 -17.31 -5.86 11.14
CA ALA C 12 -15.87 -6.00 10.95
C ALA C 12 -15.39 -5.19 9.74
N VAL C 13 -16.18 -5.17 8.67
CA VAL C 13 -15.83 -4.36 7.51
C VAL C 13 -15.79 -2.89 7.89
N GLU C 14 -16.77 -2.42 8.67
CA GLU C 14 -16.78 -1.04 9.12
C GLU C 14 -15.54 -0.71 9.96
N ARG C 15 -15.16 -1.63 10.84
CA ARG C 15 -13.97 -1.43 11.66
C ARG C 15 -12.71 -1.35 10.79
N SER C 16 -12.63 -2.20 9.77
CA SER C 16 -11.50 -2.15 8.85
C SER C 16 -11.45 -0.82 8.10
N LYS C 17 -12.61 -0.31 7.69
CA LYS C 17 -12.65 0.99 7.02
C LYS C 17 -12.18 2.09 7.95
N MET C 18 -12.59 2.05 9.21
CA MET C 18 -12.12 3.04 10.18
C MET C 18 -10.61 2.99 10.35
N ILE C 19 -10.06 1.77 10.44
CA ILE C 19 -8.62 1.62 10.58
C ILE C 19 -7.91 2.16 9.35
N ASP C 20 -8.45 1.91 8.16
CA ASP C 20 -7.84 2.42 6.94
C ASP C 20 -7.87 3.95 6.90
N ARG C 21 -8.97 4.54 7.36
CA ARG C 21 -9.04 6.01 7.42
C ARG C 21 -7.99 6.57 8.37
N ASN C 22 -7.83 5.94 9.54
CA ASN C 22 -6.81 6.40 10.48
C ASN C 22 -5.41 6.27 9.89
N LEU C 23 -5.15 5.16 9.19
CA LEU C 23 -3.85 4.96 8.55
C LEU C 23 -3.60 6.02 7.49
N ARG C 24 -4.62 6.35 6.69
CA ARG C 24 -4.46 7.37 5.66
C ARG C 24 -4.15 8.73 6.27
N GLU C 25 -4.88 9.10 7.32
CA GLU C 25 -4.62 10.40 7.94
C GLU C 25 -3.21 10.45 8.55
N ASP C 26 -2.78 9.36 9.20
CA ASP C 26 -1.43 9.34 9.76
C ASP C 26 -0.38 9.40 8.67
N GLY C 27 -0.61 8.73 7.54
CA GLY C 27 0.34 8.79 6.45
C GLY C 27 0.44 10.17 5.83
N GLU C 28 -0.70 10.84 5.66
CA GLU C 28 -0.66 12.20 5.11
C GLU C 28 -0.03 13.17 6.09
N LYS C 29 -0.18 12.94 7.40
CA LYS C 29 0.53 13.76 8.38
C LYS C 29 2.03 13.52 8.31
N ALA C 30 2.46 12.26 8.20
CA ALA C 30 3.88 11.95 8.17
C ALA C 30 4.53 12.43 6.88
N ALA C 31 3.80 12.39 5.76
CA ALA C 31 4.37 12.82 4.49
C ALA C 31 4.69 14.30 4.45
N ARG C 32 4.11 15.09 5.35
CA ARG C 32 4.35 16.53 5.40
C ARG C 32 5.69 16.88 6.02
N GLU C 33 6.48 15.89 6.43
CA GLU C 33 7.74 16.11 7.12
C GLU C 33 8.92 15.94 6.18
N VAL C 34 10.09 16.35 6.66
CA VAL C 34 11.35 16.26 5.93
C VAL C 34 12.34 15.49 6.80
N LYS C 35 13.05 14.55 6.19
CA LYS C 35 14.00 13.70 6.90
C LYS C 35 15.42 14.02 6.47
N LEU C 36 16.35 13.96 7.43
CA LEU C 36 17.76 14.18 7.17
C LEU C 36 18.57 13.12 7.91
N LEU C 37 19.70 12.74 7.33
CA LEU C 37 20.61 11.76 7.91
C LEU C 37 21.93 12.42 8.22
N LEU C 38 22.38 12.31 9.47
CA LEU C 38 23.58 13.00 9.94
C LEU C 38 24.77 12.05 9.90
N LEU C 39 25.82 12.46 9.21
CA LEU C 39 27.07 11.69 9.17
C LEU C 39 28.23 12.63 9.46
N GLY C 40 29.21 12.12 10.19
CA GLY C 40 30.38 12.90 10.55
C GLY C 40 31.66 12.12 10.54
N THR C 182 22.95 3.90 22.05
CA THR C 182 22.26 2.62 22.08
C THR C 182 21.16 2.60 21.01
N GLY C 183 21.55 2.30 19.78
CA GLY C 183 20.60 2.26 18.68
C GLY C 183 20.74 3.42 17.72
N ILE C 184 19.63 4.13 17.50
CA ILE C 184 19.60 5.28 16.60
C ILE C 184 19.06 6.48 17.37
N VAL C 185 19.72 7.63 17.20
CA VAL C 185 19.36 8.86 17.89
C VAL C 185 18.52 9.72 16.97
N GLU C 186 17.42 10.24 17.49
CA GLU C 186 16.49 11.06 16.71
C GLU C 186 16.46 12.48 17.26
N THR C 187 16.40 13.45 16.36
CA THR C 187 16.24 14.85 16.73
C THR C 187 15.14 15.48 15.90
N HIS C 188 14.27 16.25 16.55
CA HIS C 188 13.14 16.89 15.89
C HIS C 188 13.26 18.40 16.02
N PHE C 189 13.06 19.12 14.91
CA PHE C 189 13.00 20.57 15.01
C PHE C 189 12.17 21.13 13.86
N THR C 190 11.41 22.18 14.14
CA THR C 190 10.55 22.82 13.16
C THR C 190 11.13 24.18 12.81
N PHE C 191 11.23 24.46 11.51
CA PHE C 191 11.79 25.73 11.03
C PHE C 191 10.97 26.19 9.83
N LYS C 192 10.28 27.32 9.99
CA LYS C 192 9.47 27.93 8.93
C LYS C 192 8.43 26.97 8.39
N ASP C 193 7.56 26.50 9.28
CA ASP C 193 6.41 25.66 8.94
C ASP C 193 6.85 24.40 8.18
N LEU C 194 7.95 23.81 8.63
CA LEU C 194 8.40 22.54 8.07
C LEU C 194 9.10 21.77 9.18
N HIS C 195 8.77 20.49 9.32
CA HIS C 195 9.25 19.65 10.42
C HIS C 195 10.39 18.79 9.93
N PHE C 196 11.59 19.03 10.44
CA PHE C 196 12.78 18.28 10.07
C PHE C 196 13.11 17.27 11.17
N LYS C 197 13.33 16.03 10.75
CA LYS C 197 13.71 14.94 11.65
C LYS C 197 15.08 14.42 11.21
N MET C 198 16.06 14.51 12.10
CA MET C 198 17.43 14.14 11.81
C MET C 198 17.79 12.86 12.55
N PHE C 199 18.32 11.89 11.82
CA PHE C 199 18.70 10.60 12.37
C PHE C 199 20.22 10.49 12.45
N ASP C 200 20.72 10.11 13.62
CA ASP C 200 22.14 9.88 13.85
C ASP C 200 22.34 8.40 14.15
N VAL C 201 23.33 7.79 13.50
CA VAL C 201 23.56 6.36 13.57
C VAL C 201 24.87 6.02 14.26
N GLY C 202 25.50 6.98 14.93
CA GLY C 202 26.73 6.70 15.62
C GLY C 202 26.52 5.78 16.81
N GLY C 203 27.55 4.98 17.10
CA GLY C 203 27.51 4.06 18.21
C GLY C 203 27.04 2.66 17.87
N GLN C 204 26.56 2.42 16.66
CA GLN C 204 26.13 1.09 16.23
C GLN C 204 27.33 0.38 15.64
N ARG C 205 28.01 -0.43 16.46
CA ARG C 205 29.21 -1.12 16.04
C ARG C 205 28.88 -2.29 15.12
N SER C 206 28.40 -1.98 13.92
CA SER C 206 28.09 -3.00 12.92
C SER C 206 28.31 -2.40 11.54
N GLU C 207 28.56 -3.28 10.57
CA GLU C 207 28.78 -2.83 9.20
C GLU C 207 27.54 -2.13 8.66
N ARG C 208 27.75 -0.97 8.05
CA ARG C 208 26.64 -0.18 7.53
C ARG C 208 26.05 -0.74 6.24
N LYS C 209 26.72 -1.74 5.63
CA LYS C 209 26.21 -2.32 4.40
C LYS C 209 24.87 -3.02 4.59
N LYS C 210 24.55 -3.44 5.81
CA LYS C 210 23.32 -4.18 6.08
C LYS C 210 22.16 -3.30 6.56
N TRP C 211 22.39 -2.02 6.82
CA TRP C 211 21.32 -1.16 7.30
C TRP C 211 21.33 0.24 6.70
N ILE C 212 22.24 0.57 5.79
CA ILE C 212 22.23 1.90 5.20
C ILE C 212 21.04 2.06 4.25
N HIS C 213 20.62 0.97 3.59
CA HIS C 213 19.50 1.04 2.67
C HIS C 213 18.19 1.39 3.37
N CYS C 214 18.14 1.24 4.69
CA CYS C 214 16.96 1.68 5.44
C CYS C 214 16.75 3.18 5.35
N PHE C 215 17.80 3.95 5.03
CA PHE C 215 17.72 5.39 5.00
C PHE C 215 17.53 5.96 3.60
N GLU C 216 17.27 5.11 2.61
CA GLU C 216 16.91 5.60 1.30
C GLU C 216 15.56 6.31 1.36
N GLY C 217 15.46 7.42 0.63
CA GLY C 217 14.27 8.24 0.65
C GLY C 217 14.39 9.52 1.45
N VAL C 218 15.47 9.68 2.21
CA VAL C 218 15.68 10.93 2.93
C VAL C 218 15.85 12.06 1.92
N THR C 219 15.42 13.26 2.33
CA THR C 219 15.50 14.40 1.42
C THR C 219 16.94 14.75 1.07
N ALA C 220 17.83 14.72 2.06
CA ALA C 220 19.23 15.05 1.84
C ALA C 220 20.06 14.40 2.93
N ILE C 221 21.37 14.35 2.71
CA ILE C 221 22.31 13.79 3.67
C ILE C 221 23.21 14.91 4.15
N ILE C 222 23.24 15.14 5.46
CA ILE C 222 24.06 16.19 6.04
C ILE C 222 25.37 15.58 6.51
N PHE C 223 26.47 16.02 5.90
CA PHE C 223 27.80 15.50 6.19
C PHE C 223 28.63 16.61 6.85
N CYS C 224 29.13 16.34 8.05
CA CYS C 224 29.96 17.28 8.79
C CYS C 224 31.42 16.88 8.70
N VAL C 225 32.29 17.88 8.55
CA VAL C 225 33.72 17.66 8.41
C VAL C 225 34.45 18.68 9.27
N ALA C 226 35.42 18.20 10.06
CA ALA C 226 36.22 19.06 10.92
C ALA C 226 37.46 19.52 10.14
N LEU C 227 37.62 20.84 10.01
CA LEU C 227 38.78 21.37 9.29
C LEU C 227 40.07 21.11 10.04
N SER C 228 40.02 21.01 11.36
CA SER C 228 41.22 20.80 12.16
C SER C 228 41.76 19.37 12.03
N ASP C 229 41.02 18.46 11.39
CA ASP C 229 41.42 17.07 11.27
C ASP C 229 42.39 16.83 10.11
N TYR C 230 43.03 17.88 9.60
CA TYR C 230 43.95 17.70 8.48
C TYR C 230 45.28 17.11 8.91
N ASP C 231 45.74 17.42 10.12
CA ASP C 231 47.05 16.98 10.60
C ASP C 231 46.98 15.85 11.62
N LEU C 232 45.92 15.80 12.43
CA LEU C 232 45.80 14.74 13.43
C LEU C 232 45.65 13.38 12.77
N VAL C 233 46.27 12.37 13.37
CA VAL C 233 46.24 11.01 12.86
C VAL C 233 45.95 10.06 14.02
N LEU C 234 45.04 9.11 13.81
CA LEU C 234 44.72 8.11 14.83
C LEU C 234 44.93 6.71 14.28
N ASN C 241 46.12 12.09 9.50
CA ASN C 241 45.73 11.28 8.36
C ASN C 241 44.24 10.97 8.37
N ARG C 242 43.56 11.40 9.44
CA ARG C 242 42.12 11.19 9.53
C ARG C 242 41.36 12.01 8.49
N MET C 243 41.98 13.06 7.94
CA MET C 243 41.32 13.83 6.88
C MET C 243 41.09 12.97 5.66
N HIS C 244 42.07 12.14 5.30
CA HIS C 244 41.90 11.23 4.17
C HIS C 244 40.85 10.17 4.46
N GLU C 245 40.75 9.71 5.71
CA GLU C 245 39.70 8.79 6.07
C GLU C 245 38.32 9.42 5.94
N SER C 246 38.18 10.68 6.36
CA SER C 246 36.92 11.39 6.18
C SER C 246 36.60 11.59 4.71
N MET C 247 37.61 11.91 3.90
CA MET C 247 37.40 12.03 2.46
C MET C 247 36.95 10.71 1.86
N LYS C 248 37.54 9.60 2.29
CA LYS C 248 37.13 8.29 1.79
C LYS C 248 35.69 7.98 2.21
N LEU C 249 35.32 8.34 3.44
CA LEU C 249 33.94 8.15 3.88
C LEU C 249 32.98 8.97 3.04
N PHE C 250 33.34 10.23 2.74
CA PHE C 250 32.51 11.06 1.90
C PHE C 250 32.38 10.48 0.50
N ASP C 251 33.49 9.98 -0.06
CA ASP C 251 33.44 9.37 -1.38
C ASP C 251 32.54 8.14 -1.38
N SER C 252 32.63 7.32 -0.34
CA SER C 252 31.78 6.14 -0.24
C SER C 252 30.31 6.52 -0.14
N ILE C 253 29.99 7.52 0.68
CA ILE C 253 28.59 7.90 0.85
C ILE C 253 28.05 8.58 -0.41
N CYS C 254 28.89 9.29 -1.16
CA CYS C 254 28.45 9.92 -2.39
C CYS C 254 28.32 8.92 -3.53
N ASN C 255 29.17 7.90 -3.57
CA ASN C 255 29.13 6.88 -4.61
C ASN C 255 28.25 5.70 -4.24
N ASN C 256 27.57 5.76 -3.10
CA ASN C 256 26.68 4.68 -2.69
C ASN C 256 25.57 4.47 -3.71
N LYS C 257 25.26 3.20 -3.99
CA LYS C 257 24.24 2.89 -5.00
C LYS C 257 22.87 3.41 -4.57
N TRP C 258 22.55 3.30 -3.29
CA TRP C 258 21.25 3.76 -2.81
C TRP C 258 21.12 5.27 -2.92
N PHE C 259 22.14 6.02 -2.53
CA PHE C 259 22.11 7.47 -2.57
C PHE C 259 22.67 7.99 -3.90
N THR C 260 21.97 7.62 -4.98
CA THR C 260 22.32 8.09 -6.31
C THR C 260 21.56 9.37 -6.70
N ASP C 261 20.57 9.80 -5.90
CA ASP C 261 19.83 11.01 -6.18
C ASP C 261 19.66 11.92 -4.98
N THR C 262 19.86 11.43 -3.76
CA THR C 262 19.70 12.27 -2.57
C THR C 262 20.87 13.23 -2.46
N SER C 263 20.57 14.53 -2.51
CA SER C 263 21.61 15.54 -2.45
C SER C 263 22.35 15.49 -1.13
N ILE C 264 23.53 16.10 -1.11
CA ILE C 264 24.37 16.15 0.08
C ILE C 264 24.57 17.61 0.46
N ILE C 265 24.43 17.89 1.75
CA ILE C 265 24.68 19.21 2.33
C ILE C 265 25.91 19.08 3.22
N LEU C 266 26.95 19.86 2.90
CA LEU C 266 28.24 19.73 3.57
C LEU C 266 28.44 20.88 4.55
N PHE C 267 28.78 20.53 5.79
CA PHE C 267 29.08 21.49 6.84
C PHE C 267 30.55 21.35 7.22
N LEU C 268 31.25 22.47 7.34
CA LEU C 268 32.65 22.49 7.73
C LEU C 268 32.78 23.20 9.07
N ASN C 269 33.22 22.48 10.10
CA ASN C 269 33.33 23.00 11.45
C ASN C 269 34.78 23.32 11.79
N LYS C 270 35.00 23.75 13.02
CA LYS C 270 36.33 24.02 13.56
C LYS C 270 37.06 25.09 12.75
N LYS C 271 36.34 26.12 12.33
CA LYS C 271 36.96 27.20 11.57
C LYS C 271 37.88 28.03 12.45
N ASP C 272 37.41 28.43 13.63
CA ASP C 272 38.19 29.28 14.51
C ASP C 272 39.41 28.57 15.08
N LEU C 273 39.43 27.24 15.04
CA LEU C 273 40.63 26.49 15.38
C LEU C 273 41.51 26.22 14.17
N PHE C 274 40.90 26.02 13.00
CA PHE C 274 41.67 25.79 11.79
C PHE C 274 42.51 27.01 11.42
N GLU C 275 41.94 28.21 11.56
CA GLU C 275 42.68 29.41 11.19
C GLU C 275 43.92 29.58 12.08
N GLU C 276 43.80 29.30 13.38
CA GLU C 276 44.94 29.39 14.27
C GLU C 276 45.93 28.26 14.02
N LYS C 277 45.44 27.06 13.70
CA LYS C 277 46.31 25.91 13.48
C LYS C 277 47.11 26.02 12.19
N ILE C 278 46.62 26.80 11.21
CA ILE C 278 47.35 26.95 9.96
C ILE C 278 48.69 27.64 10.15
N LYS C 279 48.90 28.31 11.29
CA LYS C 279 50.14 29.06 11.52
C LYS C 279 51.29 28.18 11.99
N LYS C 280 51.01 26.96 12.47
CA LYS C 280 52.05 26.07 12.97
C LYS C 280 52.25 24.83 12.11
N SER C 281 51.18 24.19 11.67
CA SER C 281 51.29 23.00 10.83
C SER C 281 50.95 23.37 9.39
N PRO C 282 51.91 23.37 8.47
CA PRO C 282 51.61 23.71 7.08
C PRO C 282 50.71 22.68 6.43
N LEU C 283 49.96 23.13 5.41
CA LEU C 283 49.04 22.26 4.70
C LEU C 283 49.76 21.19 3.88
N THR C 284 51.07 21.30 3.70
CA THR C 284 51.81 20.30 2.95
C THR C 284 51.78 18.93 3.62
N ILE C 285 51.57 18.89 4.94
CA ILE C 285 51.48 17.60 5.63
C ILE C 285 50.24 16.84 5.19
N CYS C 286 49.09 17.52 5.15
CA CYS C 286 47.86 16.87 4.71
C CYS C 286 47.88 16.62 3.21
N TYR C 287 48.31 17.61 2.42
CA TYR C 287 48.36 17.49 0.97
C TYR C 287 49.80 17.62 0.49
N PRO C 288 50.47 16.52 0.15
CA PRO C 288 51.83 16.64 -0.40
C PRO C 288 51.90 17.42 -1.70
N GLU C 289 50.81 17.45 -2.47
CA GLU C 289 50.77 18.13 -3.77
C GLU C 289 50.22 19.54 -3.69
N TYR C 290 49.94 20.05 -2.49
CA TYR C 290 49.35 21.37 -2.35
C TYR C 290 50.39 22.44 -2.67
N ALA C 291 50.08 23.30 -3.63
CA ALA C 291 50.94 24.40 -4.03
C ALA C 291 50.17 25.71 -3.82
N GLY C 292 50.35 26.32 -2.65
CA GLY C 292 49.65 27.54 -2.33
C GLY C 292 50.28 28.22 -1.15
N SER C 293 49.68 29.33 -0.74
CA SER C 293 50.18 30.13 0.37
C SER C 293 49.67 29.55 1.69
N ASN C 294 49.90 30.27 2.78
CA ASN C 294 49.48 29.85 4.11
C ASN C 294 48.20 30.57 4.57
N THR C 295 47.51 31.26 3.67
CA THR C 295 46.28 31.93 4.03
C THR C 295 45.20 30.91 4.40
N TYR C 296 44.52 31.15 5.52
CA TYR C 296 43.51 30.21 5.97
C TYR C 296 42.31 30.18 5.04
N GLU C 297 41.95 31.32 4.43
CA GLU C 297 40.86 31.33 3.47
C GLU C 297 41.20 30.50 2.24
N GLU C 298 42.42 30.61 1.74
CA GLU C 298 42.83 29.81 0.58
C GLU C 298 42.86 28.33 0.91
N ALA C 299 43.33 27.98 2.11
CA ALA C 299 43.35 26.57 2.51
C ALA C 299 41.92 26.03 2.66
N ALA C 300 41.01 26.83 3.21
CA ALA C 300 39.62 26.41 3.32
C ALA C 300 39.00 26.22 1.94
N ALA C 301 39.28 27.14 1.01
CA ALA C 301 38.76 26.99 -0.35
C ALA C 301 39.31 25.74 -1.02
N TYR C 302 40.61 25.47 -0.84
CA TYR C 302 41.20 24.27 -1.43
C TYR C 302 40.58 23.01 -0.83
N ILE C 303 40.36 22.99 0.48
CA ILE C 303 39.74 21.84 1.13
C ILE C 303 38.33 21.63 0.60
N GLN C 304 37.57 22.72 0.45
CA GLN C 304 36.23 22.61 -0.09
C GLN C 304 36.24 22.06 -1.51
N CYS C 305 37.18 22.54 -2.34
CA CYS C 305 37.28 22.05 -3.70
C CYS C 305 37.63 20.57 -3.74
N GLN C 306 38.57 20.15 -2.89
CA GLN C 306 38.95 18.74 -2.85
C GLN C 306 37.78 17.86 -2.40
N PHE C 307 37.00 18.34 -1.43
CA PHE C 307 35.83 17.57 -1.00
C PHE C 307 34.76 17.52 -2.07
N GLU C 308 34.55 18.63 -2.79
CA GLU C 308 33.48 18.69 -3.79
C GLU C 308 33.82 17.91 -5.05
N ASP C 309 35.11 17.84 -5.40
CA ASP C 309 35.50 17.19 -6.65
C ASP C 309 35.34 15.67 -6.61
N LEU C 310 35.07 15.09 -5.45
CA LEU C 310 34.83 13.66 -5.36
C LEU C 310 33.46 13.25 -5.88
N ASN C 311 32.60 14.22 -6.21
CA ASN C 311 31.23 13.96 -6.65
C ASN C 311 31.26 13.48 -8.09
N LYS C 312 31.19 12.16 -8.29
CA LYS C 312 31.05 11.62 -9.63
C LYS C 312 29.64 11.77 -10.18
N ARG C 313 28.64 11.77 -9.30
CA ARG C 313 27.24 11.96 -9.71
C ARG C 313 26.91 13.45 -9.70
N LYS C 314 27.58 14.17 -10.62
CA LYS C 314 27.33 15.60 -10.75
C LYS C 314 25.90 15.89 -11.19
N ASP C 315 25.36 15.05 -12.07
CA ASP C 315 23.98 15.16 -12.48
C ASP C 315 23.08 14.37 -11.53
N THR C 316 21.86 14.88 -11.35
CA THR C 316 20.82 14.30 -10.49
C THR C 316 21.22 14.27 -9.02
N LYS C 317 22.37 14.84 -8.66
CA LYS C 317 22.76 15.01 -7.27
C LYS C 317 23.64 16.24 -7.18
N GLU C 318 23.35 17.10 -6.21
CA GLU C 318 24.08 18.34 -6.02
C GLU C 318 24.59 18.42 -4.59
N ILE C 319 25.74 19.05 -4.41
CA ILE C 319 26.35 19.15 -3.08
C ILE C 319 26.37 20.60 -2.63
N TYR C 320 25.33 21.01 -1.90
CA TYR C 320 25.33 22.32 -1.29
C TYR C 320 26.36 22.36 -0.15
N THR C 321 27.01 23.51 0.00
CA THR C 321 28.15 23.62 0.91
C THR C 321 28.11 24.92 1.69
N HIS C 322 28.49 24.85 2.97
CA HIS C 322 28.61 26.02 3.82
C HIS C 322 29.57 25.73 4.96
N PHE C 323 29.97 26.79 5.66
CA PHE C 323 30.86 26.74 6.80
C PHE C 323 30.10 27.16 8.06
N THR C 324 30.43 26.51 9.18
CA THR C 324 29.72 26.78 10.42
C THR C 324 29.96 28.22 10.89
N CYS C 325 28.90 28.83 11.42
CA CYS C 325 28.95 30.20 11.90
C CYS C 325 28.34 30.27 13.30
N ALA C 326 28.42 31.47 13.90
CA ALA C 326 27.92 31.65 15.26
C ALA C 326 26.40 31.61 15.30
N THR C 327 25.74 32.20 14.32
CA THR C 327 24.27 32.27 14.31
C THR C 327 23.69 30.97 13.78
N ASP C 328 22.92 30.27 14.62
CA ASP C 328 22.27 29.04 14.19
C ASP C 328 21.22 29.31 13.12
N THR C 329 20.66 30.52 13.10
CA THR C 329 19.61 30.85 12.15
C THR C 329 20.10 30.74 10.71
N LYS C 330 21.32 31.18 10.44
CA LYS C 330 21.86 31.08 9.09
C LYS C 330 22.00 29.64 8.65
N ASN C 331 22.51 28.78 9.54
CA ASN C 331 22.70 27.37 9.17
C ASN C 331 21.36 26.67 8.93
N VAL C 332 20.38 26.90 9.81
CA VAL C 332 19.08 26.26 9.61
C VAL C 332 18.39 26.81 8.38
N GLN C 333 18.57 28.12 8.08
CA GLN C 333 18.00 28.68 6.86
C GLN C 333 18.64 28.07 5.62
N PHE C 334 19.95 27.85 5.65
CA PHE C 334 20.61 27.20 4.52
C PHE C 334 20.12 25.77 4.33
N VAL C 335 19.98 25.01 5.42
CA VAL C 335 19.48 23.65 5.27
C VAL C 335 18.04 23.66 4.78
N PHE C 336 17.24 24.63 5.21
CA PHE C 336 15.87 24.76 4.71
C PHE C 336 15.85 25.08 3.22
N ASP C 337 16.74 25.97 2.77
CA ASP C 337 16.80 26.30 1.36
C ASP C 337 17.21 25.10 0.51
N ALA C 338 18.22 24.35 0.97
CA ALA C 338 18.64 23.18 0.23
C ALA C 338 17.55 22.11 0.19
N VAL C 339 16.87 21.88 1.32
CA VAL C 339 15.80 20.89 1.36
C VAL C 339 14.64 21.32 0.47
N THR C 340 14.30 22.61 0.48
CA THR C 340 13.24 23.11 -0.39
C THR C 340 13.62 22.95 -1.85
N ASP C 341 14.87 23.23 -2.20
CA ASP C 341 15.31 23.03 -3.59
C ASP C 341 15.21 21.57 -3.99
N VAL C 342 15.62 20.66 -3.10
CA VAL C 342 15.56 19.24 -3.40
C VAL C 342 14.11 18.80 -3.59
N ILE C 343 13.22 19.28 -2.72
CA ILE C 343 11.80 18.91 -2.82
C ILE C 343 11.20 19.43 -4.12
N ILE C 344 11.52 20.67 -4.48
CA ILE C 344 11.00 21.23 -5.74
C ILE C 344 11.54 20.45 -6.93
N LYS C 345 12.82 20.08 -6.91
CA LYS C 345 13.38 19.30 -8.00
C LYS C 345 12.72 17.93 -8.11
N ASN C 346 12.46 17.28 -6.97
CA ASN C 346 11.77 16.00 -7.00
C ASN C 346 10.35 16.15 -7.54
N ASN C 347 9.66 17.22 -7.15
CA ASN C 347 8.31 17.46 -7.66
C ASN C 347 8.34 17.67 -9.17
N LEU C 348 9.30 18.44 -9.66
CA LEU C 348 9.44 18.61 -11.11
C LEU C 348 9.71 17.28 -11.79
N LYS C 349 10.59 16.46 -11.21
CA LYS C 349 10.89 15.16 -11.80
C LYS C 349 9.64 14.28 -11.86
N ASP C 350 8.78 14.37 -10.85
CA ASP C 350 7.56 13.58 -10.85
C ASP C 350 6.65 13.97 -12.02
N CYS C 351 6.53 15.27 -12.30
CA CYS C 351 5.71 15.74 -13.40
C CYS C 351 6.37 15.41 -14.75
N GLY C 352 5.67 15.77 -15.82
CA GLY C 352 6.18 15.50 -17.15
C GLY C 352 7.45 16.26 -17.46
N LEU C 353 7.46 17.56 -17.16
CA LEU C 353 8.63 18.37 -17.46
C LEU C 353 9.79 18.03 -16.53
N PHE C 354 10.98 18.40 -16.95
CA PHE C 354 12.22 18.15 -16.20
C PHE C 354 12.46 16.67 -15.95
N GLN D 11 51.30 -24.04 19.67
CA GLN D 11 50.84 -24.55 18.38
C GLN D 11 49.32 -24.74 18.39
N LEU D 12 48.62 -23.84 19.07
CA LEU D 12 47.16 -23.94 19.13
C LEU D 12 46.53 -23.73 17.76
N ARG D 13 47.07 -22.81 16.97
CA ARG D 13 46.59 -22.62 15.60
C ARG D 13 46.86 -23.86 14.76
N GLN D 14 48.01 -24.51 14.96
CA GLN D 14 48.28 -25.75 14.27
C GLN D 14 47.28 -26.84 14.65
N GLU D 15 46.94 -26.93 15.94
CA GLU D 15 45.94 -27.89 16.37
C GLU D 15 44.58 -27.60 15.74
N ALA D 16 44.20 -26.33 15.66
CA ALA D 16 42.94 -25.96 15.02
C ALA D 16 42.95 -26.35 13.55
N GLU D 17 44.07 -26.10 12.86
CA GLU D 17 44.17 -26.48 11.45
C GLU D 17 44.07 -27.99 11.27
N GLN D 18 44.74 -28.76 12.15
CA GLN D 18 44.66 -30.21 12.05
C GLN D 18 43.24 -30.72 12.31
N LEU D 19 42.55 -30.12 13.28
CA LEU D 19 41.18 -30.51 13.57
C LEU D 19 40.25 -30.18 12.41
N LYS D 20 40.44 -29.02 11.78
CA LYS D 20 39.66 -28.67 10.59
C LYS D 20 39.94 -29.66 9.46
N ASN D 21 41.20 -30.03 9.27
CA ASN D 21 41.55 -30.98 8.23
C ASN D 21 40.90 -32.34 8.48
N GLN D 22 40.89 -32.79 9.74
CA GLN D 22 40.29 -34.08 10.03
C GLN D 22 38.77 -34.03 9.90
N ILE D 23 38.13 -32.90 10.21
CA ILE D 23 36.70 -32.76 9.95
C ILE D 23 36.43 -32.82 8.45
N ARG D 24 37.27 -32.15 7.67
CA ARG D 24 37.11 -32.20 6.21
C ARG D 24 37.27 -33.61 5.68
N ASP D 25 38.26 -34.35 6.20
CA ASP D 25 38.46 -35.73 5.77
C ASP D 25 37.27 -36.60 6.17
N ALA D 26 36.74 -36.41 7.37
CA ALA D 26 35.58 -37.18 7.81
C ALA D 26 34.37 -36.90 6.93
N ARG D 27 34.15 -35.63 6.58
CA ARG D 27 33.03 -35.29 5.70
C ARG D 27 33.23 -35.90 4.32
N LYS D 28 34.45 -35.83 3.78
CA LYS D 28 34.71 -36.39 2.45
C LYS D 28 34.51 -37.90 2.44
N ALA D 29 34.98 -38.59 3.47
CA ALA D 29 34.77 -40.03 3.55
C ALA D 29 33.29 -40.37 3.73
N CYS D 30 32.58 -39.53 4.49
CA CYS D 30 31.15 -39.75 4.69
C CYS D 30 30.38 -39.62 3.38
N ALA D 31 30.76 -38.67 2.54
CA ALA D 31 30.08 -38.46 1.27
C ALA D 31 30.36 -39.62 0.32
N ASP D 32 29.31 -40.29 -0.13
CA ASP D 32 29.43 -41.37 -1.11
C ASP D 32 28.56 -41.20 -2.34
N ALA D 33 27.48 -40.42 -2.27
CA ALA D 33 26.62 -40.17 -3.41
C ALA D 33 26.09 -38.75 -3.30
N THR D 34 25.25 -38.37 -4.25
CA THR D 34 24.66 -37.04 -4.28
C THR D 34 23.17 -37.14 -4.58
N LEU D 35 22.43 -36.09 -4.21
CA LEU D 35 21.02 -36.01 -4.57
C LEU D 35 20.82 -36.07 -6.08
N SER D 36 21.77 -35.55 -6.85
CA SER D 36 21.59 -35.48 -8.31
C SER D 36 21.41 -36.87 -8.91
N GLN D 37 22.31 -37.80 -8.60
CA GLN D 37 22.21 -39.14 -9.17
C GLN D 37 21.27 -40.06 -8.39
N ILE D 38 20.80 -39.64 -7.23
CA ILE D 38 19.86 -40.45 -6.46
C ILE D 38 18.41 -40.13 -6.85
N THR D 39 18.10 -38.86 -7.07
CA THR D 39 16.75 -38.44 -7.41
C THR D 39 16.58 -38.14 -8.89
N ASN D 40 17.55 -38.50 -9.72
CA ASN D 40 17.42 -38.28 -11.16
C ASN D 40 16.34 -39.15 -11.78
N ASN D 41 15.93 -40.21 -11.11
CA ASN D 41 14.91 -41.13 -11.63
C ASN D 41 13.53 -40.85 -11.06
N ILE D 42 13.25 -39.60 -10.72
CA ILE D 42 11.92 -39.20 -10.27
C ILE D 42 11.37 -38.18 -11.26
N ASP D 43 10.05 -38.15 -11.38
CA ASP D 43 9.42 -37.27 -12.35
C ASP D 43 9.47 -35.82 -11.86
N PRO D 44 9.71 -34.86 -12.75
CA PRO D 44 9.71 -33.46 -12.34
C PRO D 44 8.31 -33.00 -11.95
N VAL D 45 8.27 -31.98 -11.07
CA VAL D 45 6.99 -31.45 -10.62
C VAL D 45 6.23 -30.78 -11.75
N GLY D 46 6.90 -30.42 -12.83
CA GLY D 46 6.26 -29.73 -13.93
C GLY D 46 6.14 -28.25 -13.69
N ARG D 47 5.47 -27.58 -14.62
CA ARG D 47 5.28 -26.14 -14.50
C ARG D 47 4.36 -25.81 -13.33
N ILE D 48 4.80 -24.87 -12.50
CA ILE D 48 4.04 -24.44 -11.34
C ILE D 48 3.54 -23.02 -11.63
N GLN D 49 2.22 -22.87 -11.78
CA GLN D 49 1.62 -21.60 -12.14
C GLN D 49 0.74 -21.15 -10.98
N MET D 50 1.28 -20.27 -10.14
CA MET D 50 0.56 -19.72 -8.99
C MET D 50 0.09 -18.32 -9.34
N ARG D 51 -1.17 -18.04 -9.09
CA ARG D 51 -1.77 -16.75 -9.36
C ARG D 51 -2.04 -16.02 -8.04
N THR D 52 -2.08 -14.70 -8.13
CA THR D 52 -2.41 -13.88 -6.97
C THR D 52 -3.90 -13.94 -6.71
N ARG D 53 -4.27 -14.18 -5.45
CA ARG D 53 -5.66 -14.26 -5.03
C ARG D 53 -6.10 -13.06 -4.21
N ARG D 54 -5.23 -12.55 -3.35
CA ARG D 54 -5.56 -11.43 -2.48
C ARG D 54 -4.47 -10.37 -2.59
N THR D 55 -4.86 -9.10 -2.51
CA THR D 55 -3.93 -7.99 -2.49
C THR D 55 -4.23 -7.13 -1.27
N LEU D 56 -3.25 -6.93 -0.41
CA LEU D 56 -3.39 -6.16 0.81
C LEU D 56 -2.60 -4.86 0.63
N ARG D 57 -3.31 -3.74 0.58
CA ARG D 57 -2.73 -2.46 0.18
C ARG D 57 -3.00 -1.39 1.24
N GLY D 58 -2.74 -1.70 2.50
CA GLY D 58 -2.98 -0.76 3.57
C GLY D 58 -1.78 0.06 4.00
N HIS D 59 -0.59 -0.52 3.95
CA HIS D 59 0.61 0.16 4.41
C HIS D 59 0.94 1.35 3.50
N LEU D 60 1.89 2.17 3.95
CA LEU D 60 2.34 3.34 3.20
C LEU D 60 3.85 3.45 3.14
N ALA D 61 4.56 2.35 3.36
CA ALA D 61 6.01 2.33 3.29
C ALA D 61 6.45 0.89 3.03
N LYS D 62 7.74 0.73 2.74
CA LYS D 62 8.26 -0.58 2.38
C LYS D 62 8.08 -1.57 3.52
N ILE D 63 7.58 -2.76 3.18
CA ILE D 63 7.35 -3.82 4.16
C ILE D 63 8.67 -4.48 4.50
N TYR D 64 8.90 -4.74 5.79
CA TYR D 64 10.17 -5.31 6.19
C TYR D 64 10.07 -6.72 6.77
N ALA D 65 8.91 -7.11 7.30
CA ALA D 65 8.76 -8.45 7.85
C ALA D 65 7.28 -8.82 7.87
N MET D 66 7.03 -10.13 7.95
CA MET D 66 5.68 -10.65 8.10
C MET D 66 5.76 -12.04 8.70
N HIS D 67 4.66 -12.47 9.31
CA HIS D 67 4.57 -13.80 9.87
C HIS D 67 3.13 -14.27 9.85
N TRP D 68 2.94 -15.54 9.52
CA TRP D 68 1.62 -16.16 9.53
C TRP D 68 1.19 -16.49 10.95
N GLY D 69 -0.09 -16.84 11.09
CA GLY D 69 -0.61 -17.38 12.32
C GLY D 69 -0.75 -18.90 12.23
N THR D 70 -0.90 -19.52 13.40
CA THR D 70 -1.08 -20.97 13.43
C THR D 70 -2.40 -21.37 12.79
N ASP D 71 -3.44 -20.57 12.94
CA ASP D 71 -4.74 -20.85 12.33
C ASP D 71 -4.72 -20.67 10.81
N SER D 72 -3.63 -20.15 10.25
CA SER D 72 -3.42 -20.01 8.81
C SER D 72 -4.35 -18.97 8.18
N ARG D 73 -4.89 -18.07 8.98
CA ARG D 73 -5.76 -17.02 8.47
C ARG D 73 -5.31 -15.62 8.87
N LEU D 74 -4.77 -15.46 10.08
CA LEU D 74 -4.31 -14.16 10.55
C LEU D 74 -2.86 -13.95 10.16
N LEU D 75 -2.53 -12.72 9.76
CA LEU D 75 -1.20 -12.43 9.23
C LEU D 75 -0.71 -11.09 9.77
N VAL D 76 0.44 -11.09 10.42
CA VAL D 76 1.03 -9.85 10.95
C VAL D 76 2.09 -9.36 9.99
N SER D 77 2.17 -8.04 9.82
CA SER D 77 3.17 -7.42 8.96
C SER D 77 3.69 -6.14 9.59
N ALA D 78 4.95 -5.83 9.32
CA ALA D 78 5.62 -4.66 9.88
C ALA D 78 6.17 -3.78 8.76
N SER D 79 6.01 -2.47 8.91
CA SER D 79 6.46 -1.53 7.90
C SER D 79 7.32 -0.43 8.51
N GLN D 80 8.13 0.20 7.67
CA GLN D 80 9.05 1.25 8.10
C GLN D 80 8.34 2.52 8.53
N ASP D 81 7.05 2.66 8.25
CA ASP D 81 6.30 3.82 8.73
C ASP D 81 5.81 3.64 10.16
N GLY D 82 6.42 2.73 10.91
CA GLY D 82 6.09 2.51 12.31
C GLY D 82 4.72 1.90 12.54
N LYS D 83 4.33 0.92 11.73
CA LYS D 83 3.04 0.27 11.89
C LYS D 83 3.19 -1.24 11.80
N LEU D 84 2.48 -1.93 12.70
CA LEU D 84 2.27 -3.38 12.65
C LEU D 84 0.80 -3.64 12.39
N ILE D 85 0.48 -4.24 11.26
CA ILE D 85 -0.90 -4.45 10.84
C ILE D 85 -1.20 -5.94 10.86
N ILE D 86 -2.35 -6.30 11.45
CA ILE D 86 -2.84 -7.67 11.46
C ILE D 86 -3.97 -7.78 10.46
N TRP D 87 -3.83 -8.69 9.50
CA TRP D 87 -4.76 -8.86 8.39
C TRP D 87 -5.50 -10.18 8.52
N ASP D 88 -6.78 -10.14 8.18
CA ASP D 88 -7.58 -11.34 7.95
C ASP D 88 -7.46 -11.70 6.48
N SER D 89 -6.74 -12.79 6.20
CA SER D 89 -6.37 -13.10 4.82
C SER D 89 -7.60 -13.40 3.96
N TYR D 90 -8.58 -14.10 4.52
CA TYR D 90 -9.71 -14.55 3.72
C TYR D 90 -10.54 -13.37 3.22
N THR D 91 -10.73 -12.34 4.05
CA THR D 91 -11.63 -11.24 3.74
C THR D 91 -10.93 -9.91 3.53
N THR D 92 -9.61 -9.86 3.65
CA THR D 92 -8.84 -8.62 3.52
C THR D 92 -9.36 -7.55 4.48
N ASN D 93 -9.21 -7.84 5.77
CA ASN D 93 -9.65 -6.95 6.83
C ASN D 93 -8.49 -6.70 7.79
N LYS D 94 -8.40 -5.47 8.27
CA LYS D 94 -7.36 -5.10 9.25
C LYS D 94 -7.94 -5.32 10.64
N VAL D 95 -7.50 -6.40 11.30
CA VAL D 95 -7.98 -6.70 12.64
C VAL D 95 -7.40 -5.70 13.65
N HIS D 96 -6.11 -5.39 13.52
CA HIS D 96 -5.44 -4.50 14.47
C HIS D 96 -4.39 -3.69 13.74
N ALA D 97 -4.12 -2.49 14.25
CA ALA D 97 -3.08 -1.61 13.71
C ALA D 97 -2.32 -1.02 14.90
N ILE D 98 -1.20 -1.63 15.25
CA ILE D 98 -0.38 -1.23 16.40
C ILE D 98 0.67 -0.22 15.96
N PRO D 99 0.73 0.95 16.59
CA PRO D 99 1.82 1.88 16.34
C PRO D 99 3.06 1.53 17.16
N LEU D 100 4.22 1.77 16.56
CA LEU D 100 5.49 1.46 17.17
C LEU D 100 6.20 2.74 17.63
N ARG D 101 6.96 2.61 18.71
CA ARG D 101 7.71 3.76 19.23
C ARG D 101 8.85 4.14 18.29
N SER D 102 9.51 3.14 17.69
CA SER D 102 10.57 3.37 16.72
C SER D 102 10.14 2.78 15.38
N SER D 103 10.29 3.56 14.32
CA SER D 103 9.84 3.16 13.00
C SER D 103 10.87 2.31 12.24
N TRP D 104 12.04 2.08 12.82
CA TRP D 104 13.08 1.29 12.17
C TRP D 104 12.95 -0.19 12.49
N VAL D 105 11.78 -0.75 12.22
CA VAL D 105 11.51 -2.17 12.49
C VAL D 105 12.07 -3.00 11.36
N MET D 106 12.63 -4.17 11.71
CA MET D 106 13.24 -5.05 10.73
C MET D 106 12.86 -6.52 10.90
N THR D 107 12.05 -6.85 11.90
CA THR D 107 11.65 -8.23 12.12
C THR D 107 10.32 -8.25 12.86
N CYS D 108 9.57 -9.34 12.66
CA CYS D 108 8.27 -9.52 13.30
C CYS D 108 8.04 -11.01 13.55
N ALA D 109 7.15 -11.30 14.51
CA ALA D 109 6.78 -12.67 14.81
C ALA D 109 5.37 -12.71 15.37
N TYR D 110 4.74 -13.87 15.23
CA TYR D 110 3.41 -14.15 15.77
C TYR D 110 3.53 -15.29 16.76
N ALA D 111 2.98 -15.09 17.96
CA ALA D 111 3.00 -16.17 18.94
C ALA D 111 2.16 -17.34 18.45
N PRO D 112 2.61 -18.58 18.66
CA PRO D 112 1.83 -19.73 18.20
C PRO D 112 0.45 -19.79 18.84
N SER D 113 0.31 -19.34 20.09
CA SER D 113 -1.00 -19.27 20.72
C SER D 113 -1.86 -18.16 20.15
N GLY D 114 -1.26 -17.21 19.45
CA GLY D 114 -2.00 -16.11 18.85
C GLY D 114 -2.36 -14.99 19.79
N ASN D 115 -1.77 -14.94 20.98
CA ASN D 115 -2.08 -13.91 21.97
C ASN D 115 -1.08 -12.77 22.00
N TYR D 116 0.11 -12.94 21.40
CA TYR D 116 1.16 -11.94 21.48
C TYR D 116 1.80 -11.75 20.12
N VAL D 117 2.37 -10.56 19.93
CA VAL D 117 3.19 -10.26 18.76
C VAL D 117 4.51 -9.65 19.25
N ALA D 118 5.53 -9.76 18.41
CA ALA D 118 6.86 -9.26 18.73
C ALA D 118 7.42 -8.46 17.57
N CYS D 119 8.12 -7.37 17.89
CA CYS D 119 8.77 -6.55 16.89
C CYS D 119 10.14 -6.11 17.41
N GLY D 120 11.02 -5.75 16.48
CA GLY D 120 12.34 -5.27 16.85
C GLY D 120 13.02 -4.65 15.66
N GLY D 121 14.08 -3.90 15.95
CA GLY D 121 14.83 -3.24 14.89
C GLY D 121 16.09 -2.54 15.35
N LEU D 122 16.33 -1.34 14.80
CA LEU D 122 17.55 -0.59 15.11
C LEU D 122 17.56 -0.04 16.53
N ASP D 123 16.44 -0.12 17.26
CA ASP D 123 16.41 0.32 18.64
C ASP D 123 17.03 -0.70 19.59
N ASN D 124 17.40 -1.88 19.10
CA ASN D 124 18.04 -2.93 19.90
C ASN D 124 17.13 -3.45 21.02
N ILE D 125 15.83 -3.29 20.87
CA ILE D 125 14.85 -3.69 21.88
C ILE D 125 13.80 -4.56 21.21
N CYS D 126 13.45 -5.67 21.85
CA CYS D 126 12.38 -6.54 21.37
C CYS D 126 11.11 -6.23 22.14
N SER D 127 10.11 -5.70 21.44
CA SER D 127 8.86 -5.29 22.05
C SER D 127 7.80 -6.36 21.84
N ILE D 128 7.19 -6.80 22.93
CA ILE D 128 6.15 -7.82 22.91
C ILE D 128 4.84 -7.16 23.30
N TYR D 129 3.85 -7.26 22.41
CA TYR D 129 2.53 -6.68 22.57
C TYR D 129 1.50 -7.76 22.80
N ASN D 130 0.56 -7.50 23.70
CA ASN D 130 -0.52 -8.42 24.02
C ASN D 130 -1.77 -8.04 23.26
N LEU D 131 -2.39 -9.01 22.59
CA LEU D 131 -3.55 -8.74 21.75
C LEU D 131 -4.87 -8.94 22.49
N LYS D 132 -4.90 -9.77 23.52
CA LYS D 132 -6.12 -10.08 24.26
C LYS D 132 -6.12 -9.30 25.57
N THR D 133 -6.84 -8.19 25.60
CA THR D 133 -6.95 -7.35 26.78
C THR D 133 -8.42 -7.05 27.04
N ARG D 134 -8.77 -6.94 28.33
CA ARG D 134 -10.14 -6.60 28.70
C ARG D 134 -10.51 -5.17 28.32
N GLU D 135 -9.52 -4.31 28.10
CA GLU D 135 -9.77 -2.94 27.68
C GLU D 135 -10.07 -2.82 26.20
N GLY D 136 -9.88 -3.88 25.42
CA GLY D 136 -10.19 -3.88 24.01
C GLY D 136 -9.11 -3.34 23.10
N ASN D 137 -7.99 -2.88 23.65
CA ASN D 137 -6.90 -2.33 22.86
C ASN D 137 -5.67 -3.22 22.97
N VAL D 138 -4.69 -2.94 22.12
CA VAL D 138 -3.41 -3.64 22.13
C VAL D 138 -2.39 -2.75 22.81
N ARG D 139 -1.75 -3.29 23.85
CA ARG D 139 -0.75 -2.54 24.61
C ARG D 139 0.53 -3.37 24.69
N VAL D 140 1.66 -2.67 24.81
CA VAL D 140 2.95 -3.33 24.90
C VAL D 140 3.04 -4.06 26.23
N SER D 141 3.36 -5.35 26.17
CA SER D 141 3.45 -6.17 27.37
C SER D 141 4.86 -6.23 27.94
N ARG D 142 5.87 -6.15 27.09
CA ARG D 142 7.25 -6.25 27.57
C ARG D 142 8.18 -5.58 26.58
N GLU D 143 9.31 -5.07 27.10
CA GLU D 143 10.37 -4.49 26.28
C GLU D 143 11.69 -5.11 26.71
N LEU D 144 12.09 -6.18 26.03
CA LEU D 144 13.33 -6.87 26.33
C LEU D 144 14.51 -6.10 25.76
N ALA D 145 15.48 -5.80 26.61
CA ALA D 145 16.68 -5.05 26.24
C ALA D 145 17.92 -5.75 26.78
N GLY D 146 19.05 -5.48 26.14
CA GLY D 146 20.30 -6.09 26.53
C GLY D 146 21.21 -6.40 25.36
N HIS D 147 20.65 -6.47 24.16
CA HIS D 147 21.46 -6.62 22.96
C HIS D 147 22.16 -5.30 22.64
N THR D 148 23.40 -5.40 22.15
CA THR D 148 24.20 -4.23 21.82
C THR D 148 24.18 -3.92 20.33
N GLY D 149 23.26 -4.53 19.57
CA GLY D 149 23.14 -4.27 18.16
C GLY D 149 21.70 -4.42 17.72
N TYR D 150 21.47 -4.14 16.45
CA TYR D 150 20.12 -4.25 15.88
C TYR D 150 19.64 -5.69 15.91
N LEU D 151 18.34 -5.85 16.15
CA LEU D 151 17.72 -7.17 16.13
C LEU D 151 17.39 -7.57 14.70
N SER D 152 17.86 -8.73 14.28
CA SER D 152 17.61 -9.21 12.93
C SER D 152 16.42 -10.16 12.84
N CYS D 153 16.24 -11.03 13.83
CA CYS D 153 15.16 -11.99 13.80
C CYS D 153 14.70 -12.30 15.22
N CYS D 154 13.48 -12.82 15.32
CA CYS D 154 12.92 -13.22 16.61
C CYS D 154 11.81 -14.23 16.35
N ARG D 155 11.75 -15.26 17.19
CA ARG D 155 10.73 -16.29 17.07
C ARG D 155 10.19 -16.65 18.44
N PHE D 156 8.87 -16.84 18.52
CA PHE D 156 8.20 -17.15 19.78
C PHE D 156 8.39 -18.64 20.08
N LEU D 157 9.36 -18.95 20.94
CA LEU D 157 9.58 -20.33 21.34
C LEU D 157 8.43 -20.88 22.16
N ASP D 158 7.64 -20.01 22.79
CA ASP D 158 6.54 -20.38 23.67
C ASP D 158 5.82 -19.09 24.04
N ASP D 159 4.74 -19.21 24.81
CA ASP D 159 4.03 -18.04 25.28
C ASP D 159 4.84 -17.23 26.27
N ASN D 160 5.92 -17.80 26.83
CA ASN D 160 6.76 -17.10 27.78
C ASN D 160 8.24 -17.10 27.42
N GLN D 161 8.66 -17.84 26.39
CA GLN D 161 10.05 -17.89 25.97
C GLN D 161 10.16 -17.40 24.54
N ILE D 162 11.12 -16.52 24.28
CA ILE D 162 11.35 -16.00 22.94
C ILE D 162 12.83 -16.02 22.64
N VAL D 163 13.20 -16.49 21.45
CA VAL D 163 14.60 -16.55 21.02
C VAL D 163 14.83 -15.45 19.99
N THR D 164 15.83 -14.62 20.22
CA THR D 164 16.14 -13.49 19.36
C THR D 164 17.59 -13.57 18.90
N SER D 165 17.86 -12.90 17.78
CA SER D 165 19.20 -12.83 17.20
C SER D 165 19.51 -11.38 16.87
N SER D 166 20.70 -10.91 17.24
CA SER D 166 21.07 -9.53 17.03
C SER D 166 22.25 -9.41 16.09
N GLY D 167 22.57 -8.17 15.74
CA GLY D 167 23.69 -7.85 14.89
C GLY D 167 25.02 -7.74 15.61
N ASP D 168 25.04 -8.02 16.91
CA ASP D 168 26.28 -8.06 17.69
C ASP D 168 26.85 -9.46 17.78
N THR D 169 26.61 -10.30 16.77
CA THR D 169 27.13 -11.66 16.69
C THR D 169 26.62 -12.55 17.82
N THR D 170 25.42 -12.28 18.33
CA THR D 170 24.88 -13.04 19.45
C THR D 170 23.42 -13.39 19.20
N CYS D 171 22.97 -14.43 19.90
CA CYS D 171 21.57 -14.77 20.04
C CYS D 171 21.27 -14.94 21.52
N ALA D 172 19.99 -14.82 21.87
CA ALA D 172 19.59 -14.90 23.27
C ALA D 172 18.24 -15.60 23.39
N LEU D 173 18.02 -16.20 24.55
CA LEU D 173 16.73 -16.79 24.89
C LEU D 173 16.18 -16.06 26.12
N TRP D 174 15.04 -15.40 25.95
CA TRP D 174 14.47 -14.52 26.95
C TRP D 174 13.24 -15.16 27.57
N ASP D 175 13.16 -15.10 28.89
CA ASP D 175 11.93 -15.33 29.63
C ASP D 175 11.16 -14.02 29.69
N ILE D 176 9.99 -13.98 29.05
CA ILE D 176 9.26 -12.72 28.91
C ILE D 176 8.81 -12.20 30.26
N GLU D 177 8.38 -13.09 31.16
CA GLU D 177 7.86 -12.66 32.45
C GLU D 177 8.94 -11.96 33.27
N THR D 178 10.13 -12.57 33.37
CA THR D 178 11.21 -11.94 34.13
C THR D 178 11.87 -10.82 33.35
N GLY D 179 12.03 -10.99 32.04
CA GLY D 179 12.61 -9.99 31.18
C GLY D 179 14.09 -10.19 30.87
N GLN D 180 14.78 -10.99 31.67
CA GLN D 180 16.20 -11.23 31.46
C GLN D 180 16.41 -12.46 30.59
N GLN D 181 17.49 -12.45 29.81
CA GLN D 181 17.79 -13.56 28.92
C GLN D 181 18.43 -14.69 29.71
N THR D 182 17.83 -15.88 29.61
CA THR D 182 18.31 -17.02 30.39
C THR D 182 19.64 -17.55 29.85
N THR D 183 19.77 -17.66 28.53
CA THR D 183 21.00 -18.16 27.93
C THR D 183 21.35 -17.32 26.72
N THR D 184 22.65 -17.21 26.46
CA THR D 184 23.19 -16.44 25.36
C THR D 184 24.05 -17.33 24.48
N PHE D 185 23.74 -17.38 23.19
CA PHE D 185 24.49 -18.16 22.22
C PHE D 185 25.48 -17.25 21.50
N THR D 186 26.76 -17.58 21.60
CA THR D 186 27.83 -16.80 21.02
C THR D 186 28.77 -17.72 20.25
N GLY D 187 29.48 -17.14 19.28
CA GLY D 187 30.42 -17.90 18.48
C GLY D 187 30.49 -17.45 17.04
N HIS D 188 29.45 -16.75 16.57
CA HIS D 188 29.46 -16.22 15.22
C HIS D 188 30.45 -15.06 15.12
N THR D 189 31.23 -15.06 14.04
CA THR D 189 32.20 -13.98 13.84
C THR D 189 31.52 -12.71 13.35
N GLY D 190 30.49 -12.82 12.52
CA GLY D 190 29.79 -11.69 11.97
C GLY D 190 28.37 -11.55 12.50
N ASP D 191 27.70 -10.50 12.02
CA ASP D 191 26.35 -10.20 12.48
C ASP D 191 25.38 -11.30 12.06
N VAL D 192 24.53 -11.71 12.99
CA VAL D 192 23.54 -12.75 12.73
C VAL D 192 22.34 -12.13 12.02
N MET D 193 21.95 -12.72 10.89
CA MET D 193 20.92 -12.18 10.02
C MET D 193 19.56 -12.84 10.20
N SER D 194 19.51 -14.14 10.47
CA SER D 194 18.24 -14.84 10.56
C SER D 194 18.41 -16.08 11.42
N LEU D 195 17.28 -16.64 11.84
CA LEU D 195 17.24 -17.88 12.61
C LEU D 195 15.99 -18.65 12.24
N SER D 196 16.00 -19.95 12.53
CA SER D 196 14.88 -20.82 12.21
C SER D 196 14.77 -21.91 13.27
N LEU D 197 13.61 -21.98 13.92
CA LEU D 197 13.39 -22.99 14.94
C LEU D 197 13.07 -24.35 14.31
N ALA D 198 13.42 -25.40 15.03
CA ALA D 198 13.09 -26.75 14.61
C ALA D 198 11.63 -27.06 14.96
N PRO D 199 11.01 -28.00 14.24
CA PRO D 199 9.61 -28.34 14.55
C PRO D 199 9.39 -28.83 15.96
N ASP D 200 10.36 -29.57 16.53
CA ASP D 200 10.24 -30.03 17.91
C ASP D 200 10.68 -28.98 18.92
N THR D 201 11.19 -27.84 18.46
CA THR D 201 11.59 -26.68 19.26
C THR D 201 12.83 -26.99 20.12
N ARG D 202 13.38 -28.20 20.01
CA ARG D 202 14.54 -28.58 20.80
C ARG D 202 15.84 -28.01 20.27
N LEU D 203 15.85 -27.47 19.06
CA LEU D 203 17.05 -26.92 18.44
C LEU D 203 16.64 -25.74 17.56
N PHE D 204 17.64 -24.97 17.12
CA PHE D 204 17.40 -24.01 16.06
C PHE D 204 18.70 -23.78 15.30
N VAL D 205 18.62 -23.02 14.22
CA VAL D 205 19.76 -22.77 13.35
C VAL D 205 19.85 -21.27 13.09
N SER D 206 21.08 -20.77 13.02
CA SER D 206 21.31 -19.34 12.84
C SER D 206 22.32 -19.10 11.72
N GLY D 207 22.04 -18.12 10.88
CA GLY D 207 22.95 -17.72 9.82
C GLY D 207 23.45 -16.31 10.07
N ALA D 208 24.72 -16.07 9.74
CA ALA D 208 25.36 -14.79 10.04
C ALA D 208 26.11 -14.29 8.82
N CYS D 209 26.75 -13.14 8.97
CA CYS D 209 27.44 -12.46 7.87
C CYS D 209 28.82 -13.03 7.59
N ASP D 210 29.31 -13.96 8.39
CA ASP D 210 30.59 -14.62 8.14
C ASP D 210 30.45 -15.80 7.19
N ALA D 211 29.36 -15.86 6.42
CA ALA D 211 29.13 -16.92 5.43
C ALA D 211 29.15 -18.31 6.07
N SER D 212 28.54 -18.43 7.25
CA SER D 212 28.44 -19.72 7.92
C SER D 212 27.14 -19.78 8.71
N ALA D 213 26.67 -21.01 8.91
CA ALA D 213 25.47 -21.27 9.69
C ALA D 213 25.81 -22.23 10.83
N LYS D 214 25.09 -22.09 11.93
CA LYS D 214 25.39 -22.85 13.14
C LYS D 214 24.12 -23.46 13.71
N LEU D 215 24.23 -24.68 14.23
CA LEU D 215 23.13 -25.37 14.87
C LEU D 215 23.26 -25.22 16.38
N TRP D 216 22.25 -24.60 17.00
CA TRP D 216 22.27 -24.28 18.41
C TRP D 216 21.28 -25.14 19.16
N ASP D 217 21.74 -25.74 20.25
CA ASP D 217 20.88 -26.47 21.18
C ASP D 217 20.28 -25.49 22.18
N VAL D 218 18.96 -25.40 22.21
CA VAL D 218 18.29 -24.46 23.10
C VAL D 218 18.53 -24.83 24.56
N ARG D 219 18.44 -26.12 24.88
CA ARG D 219 18.52 -26.55 26.27
C ARG D 219 19.91 -26.34 26.86
N GLU D 220 20.94 -26.77 26.14
CA GLU D 220 22.30 -26.72 26.66
C GLU D 220 23.07 -25.46 26.27
N GLY D 221 22.55 -24.68 25.33
CA GLY D 221 23.22 -23.45 24.93
C GLY D 221 24.58 -23.65 24.32
N MET D 222 24.72 -24.64 23.44
CA MET D 222 26.00 -24.95 22.79
C MET D 222 25.79 -25.11 21.30
N CYS D 223 26.86 -24.86 20.54
CA CYS D 223 26.86 -25.09 19.10
C CYS D 223 27.24 -26.53 18.82
N ARG D 224 26.42 -27.22 18.03
CA ARG D 224 26.66 -28.61 17.69
C ARG D 224 27.38 -28.77 16.36
N GLN D 225 26.95 -28.05 15.33
CA GLN D 225 27.54 -28.18 14.01
C GLN D 225 27.64 -26.81 13.35
N THR D 226 28.66 -26.65 12.51
CA THR D 226 28.88 -25.44 11.73
C THR D 226 29.00 -25.81 10.27
N PHE D 227 28.29 -25.08 9.41
CA PHE D 227 28.28 -25.31 7.97
C PHE D 227 28.79 -24.06 7.28
N THR D 228 29.79 -24.23 6.41
CA THR D 228 30.50 -23.11 5.79
C THR D 228 30.51 -23.23 4.27
N GLY D 229 29.39 -23.67 3.69
CA GLY D 229 29.34 -23.82 2.24
C GLY D 229 29.38 -22.50 1.49
N HIS D 230 28.63 -21.51 1.97
CA HIS D 230 28.42 -20.27 1.22
C HIS D 230 29.70 -19.44 1.16
N GLU D 231 29.77 -18.57 0.15
CA GLU D 231 30.90 -17.68 -0.04
C GLU D 231 30.56 -16.22 0.23
N SER D 232 29.39 -15.94 0.80
CA SER D 232 29.00 -14.58 1.11
C SER D 232 27.98 -14.61 2.25
N ASP D 233 27.58 -13.43 2.69
CA ASP D 233 26.65 -13.32 3.81
C ASP D 233 25.32 -13.98 3.47
N ILE D 234 24.80 -14.75 4.42
CA ILE D 234 23.52 -15.44 4.27
C ILE D 234 22.44 -14.63 4.96
N ASN D 235 21.37 -14.32 4.25
CA ASN D 235 20.29 -13.48 4.76
C ASN D 235 19.07 -14.26 5.19
N ALA D 236 18.85 -15.46 4.64
CA ALA D 236 17.66 -16.24 4.91
C ALA D 236 18.04 -17.64 5.35
N ILE D 237 17.21 -18.22 6.21
CA ILE D 237 17.40 -19.59 6.68
C ILE D 237 16.03 -20.17 7.01
N CYS D 238 15.86 -21.46 6.74
CA CYS D 238 14.59 -22.13 6.96
C CYS D 238 14.83 -23.61 7.14
N PHE D 239 13.99 -24.24 7.96
CA PHE D 239 14.08 -25.67 8.24
C PHE D 239 13.21 -26.47 7.28
N PHE D 240 13.71 -27.64 6.89
CA PHE D 240 12.88 -28.61 6.21
C PHE D 240 11.77 -29.06 7.15
N PRO D 241 10.56 -29.32 6.64
CA PRO D 241 9.47 -29.75 7.53
C PRO D 241 9.78 -31.03 8.29
N ASN D 242 10.63 -31.88 7.75
CA ASN D 242 11.06 -33.08 8.48
C ASN D 242 11.83 -32.71 9.74
N GLY D 243 12.70 -31.70 9.64
CA GLY D 243 13.55 -31.31 10.76
C GLY D 243 14.96 -31.83 10.68
N ASN D 244 15.33 -32.56 9.63
CA ASN D 244 16.65 -33.12 9.46
C ASN D 244 17.48 -32.39 8.42
N ALA D 245 17.00 -31.26 7.92
CA ALA D 245 17.72 -30.49 6.92
C ALA D 245 17.27 -29.04 6.99
N PHE D 246 18.04 -28.16 6.36
CA PHE D 246 17.66 -26.76 6.28
C PHE D 246 18.24 -26.14 5.01
N ALA D 247 17.75 -24.94 4.68
CA ALA D 247 18.13 -24.24 3.48
C ALA D 247 18.59 -22.82 3.81
N THR D 248 19.57 -22.33 3.07
CA THR D 248 20.15 -21.02 3.27
C THR D 248 20.20 -20.26 1.96
N GLY D 249 19.92 -18.96 2.02
CA GLY D 249 20.05 -18.07 0.88
C GLY D 249 20.99 -16.94 1.17
N SER D 250 21.91 -16.63 0.25
CA SER D 250 22.97 -15.67 0.50
C SER D 250 22.98 -14.60 -0.58
N ASP D 251 24.00 -13.75 -0.56
CA ASP D 251 24.18 -12.68 -1.53
C ASP D 251 24.92 -13.13 -2.78
N ASP D 252 25.38 -14.37 -2.83
CA ASP D 252 26.01 -14.92 -4.02
C ASP D 252 24.99 -15.48 -5.01
N ALA D 253 23.72 -15.08 -4.88
CA ALA D 253 22.65 -15.52 -5.77
C ALA D 253 22.54 -17.04 -5.81
N THR D 254 22.65 -17.67 -4.64
CA THR D 254 22.67 -19.13 -4.57
C THR D 254 21.97 -19.59 -3.30
N CYS D 255 21.12 -20.60 -3.42
CA CYS D 255 20.56 -21.30 -2.28
C CYS D 255 21.32 -22.59 -2.04
N ARG D 256 21.37 -23.01 -0.78
CA ARG D 256 22.06 -24.24 -0.44
C ARG D 256 21.26 -25.03 0.58
N LEU D 257 21.08 -26.31 0.31
CA LEU D 257 20.40 -27.24 1.20
C LEU D 257 21.43 -28.08 1.93
N PHE D 258 21.50 -27.91 3.25
CA PHE D 258 22.37 -28.66 4.14
C PHE D 258 21.57 -29.70 4.91
N ASP D 259 22.24 -30.78 5.29
CA ASP D 259 21.65 -31.85 6.11
C ASP D 259 22.38 -31.91 7.44
N LEU D 260 21.60 -31.99 8.53
CA LEU D 260 22.20 -32.06 9.87
C LEU D 260 22.90 -33.39 10.11
N ARG D 261 22.27 -34.50 9.68
CA ARG D 261 22.80 -35.81 10.00
C ARG D 261 24.07 -36.12 9.21
N ALA D 262 24.11 -35.74 7.94
CA ALA D 262 25.31 -35.91 7.13
C ALA D 262 26.35 -34.82 7.36
N ASP D 263 25.95 -33.71 8.00
CA ASP D 263 26.87 -32.64 8.40
C ASP D 263 27.62 -32.06 7.20
N GLN D 264 26.92 -31.90 6.08
CA GLN D 264 27.51 -31.27 4.90
C GLN D 264 26.41 -30.78 3.99
N GLU D 265 26.80 -30.19 2.87
CA GLU D 265 25.88 -29.56 1.93
C GLU D 265 25.34 -30.60 0.96
N LEU D 266 24.02 -30.63 0.80
CA LEU D 266 23.38 -31.59 -0.08
C LEU D 266 23.13 -31.02 -1.47
N MET D 267 22.56 -29.81 -1.55
CA MET D 267 22.12 -29.30 -2.84
C MET D 267 22.48 -27.83 -3.00
N THR D 268 22.69 -27.42 -4.25
CA THR D 268 22.96 -26.03 -4.61
C THR D 268 21.98 -25.60 -5.70
N TYR D 269 21.30 -24.48 -5.47
CA TYR D 269 20.33 -23.92 -6.40
C TYR D 269 20.89 -22.59 -6.92
N SER D 270 21.27 -22.57 -8.19
CA SER D 270 21.80 -21.36 -8.81
C SER D 270 21.57 -21.43 -10.31
N HIS D 271 21.54 -20.26 -10.94
CA HIS D 271 21.34 -20.15 -12.38
C HIS D 271 22.26 -19.08 -12.94
N ASP D 272 22.54 -19.18 -14.23
CA ASP D 272 23.38 -18.19 -14.90
C ASP D 272 22.68 -16.84 -15.00
N ASN D 273 21.36 -16.84 -15.19
CA ASN D 273 20.61 -15.61 -15.35
C ASN D 273 20.25 -14.96 -14.02
N ILE D 274 20.55 -15.59 -12.90
CA ILE D 274 20.25 -15.06 -11.57
C ILE D 274 21.55 -14.56 -10.96
N ILE D 275 21.62 -13.25 -10.71
CA ILE D 275 22.84 -12.63 -10.20
C ILE D 275 22.49 -11.74 -9.02
N CYS D 276 21.25 -11.78 -8.58
CA CYS D 276 20.77 -10.93 -7.50
C CYS D 276 20.73 -11.70 -6.19
N GLY D 277 20.90 -10.98 -5.09
CA GLY D 277 20.89 -11.60 -3.79
C GLY D 277 19.51 -12.09 -3.38
N ILE D 278 19.50 -12.95 -2.36
CA ILE D 278 18.28 -13.58 -1.88
C ILE D 278 17.90 -12.94 -0.54
N THR D 279 16.66 -12.47 -0.44
CA THR D 279 16.15 -11.82 0.76
C THR D 279 15.48 -12.81 1.71
N SER D 280 14.78 -13.81 1.17
CA SER D 280 14.01 -14.73 2.00
C SER D 280 13.98 -16.10 1.35
N VAL D 281 13.69 -17.11 2.18
CA VAL D 281 13.58 -18.49 1.73
C VAL D 281 12.52 -19.18 2.56
N SER D 282 11.84 -20.15 1.94
CA SER D 282 10.81 -20.91 2.63
C SER D 282 10.56 -22.21 1.88
N PHE D 283 9.91 -23.15 2.58
CA PHE D 283 9.62 -24.47 2.05
C PHE D 283 8.10 -24.65 1.92
N SER D 284 7.71 -25.61 1.08
CA SER D 284 6.32 -25.99 0.97
C SER D 284 5.97 -26.96 2.10
N LYS D 285 4.72 -27.42 2.13
CA LYS D 285 4.28 -28.29 3.21
C LYS D 285 5.02 -29.63 3.19
N SER D 286 5.20 -30.21 2.02
CA SER D 286 5.87 -31.51 1.89
C SER D 286 7.36 -31.37 1.61
N GLY D 287 7.88 -30.15 1.47
CA GLY D 287 9.29 -29.96 1.23
C GLY D 287 9.75 -30.17 -0.20
N ARG D 288 8.82 -30.41 -1.14
CA ARG D 288 9.21 -30.61 -2.52
C ARG D 288 9.56 -29.30 -3.22
N LEU D 289 8.91 -28.20 -2.85
CA LEU D 289 9.13 -26.91 -3.48
C LEU D 289 9.83 -25.97 -2.52
N LEU D 290 10.80 -25.22 -3.04
CA LEU D 290 11.53 -24.22 -2.27
C LEU D 290 11.29 -22.86 -2.90
N LEU D 291 10.65 -21.96 -2.15
CA LEU D 291 10.32 -20.63 -2.64
C LEU D 291 11.35 -19.65 -2.11
N ALA D 292 12.05 -18.97 -3.02
CA ALA D 292 13.09 -18.03 -2.67
C ALA D 292 12.76 -16.67 -3.28
N GLY D 293 12.75 -15.63 -2.45
CA GLY D 293 12.57 -14.28 -2.90
C GLY D 293 13.92 -13.62 -3.14
N TYR D 294 14.10 -13.08 -4.34
CA TYR D 294 15.37 -12.49 -4.73
C TYR D 294 15.29 -10.96 -4.69
N ASP D 295 16.46 -10.33 -4.86
CA ASP D 295 16.50 -8.89 -5.00
C ASP D 295 15.79 -8.44 -6.27
N ASP D 296 15.77 -9.30 -7.29
CA ASP D 296 14.90 -9.05 -8.43
C ASP D 296 13.45 -9.08 -7.99
N PHE D 297 12.60 -8.35 -8.71
CA PHE D 297 11.24 -8.09 -8.23
C PHE D 297 10.38 -9.36 -8.16
N ASN D 298 10.78 -10.44 -8.82
CA ASN D 298 10.01 -11.67 -8.78
C ASN D 298 10.64 -12.69 -7.85
N CYS D 299 9.82 -13.63 -7.39
CA CYS D 299 10.27 -14.76 -6.60
C CYS D 299 10.42 -15.99 -7.50
N ASN D 300 11.18 -16.97 -7.02
CA ASN D 300 11.41 -18.20 -7.76
C ASN D 300 10.98 -19.40 -6.94
N VAL D 301 10.54 -20.45 -7.64
CA VAL D 301 10.11 -21.70 -7.04
C VAL D 301 10.96 -22.81 -7.64
N TRP D 302 11.78 -23.44 -6.81
CA TRP D 302 12.70 -24.49 -7.21
C TRP D 302 12.15 -25.85 -6.80
N ASP D 303 12.40 -26.85 -7.64
CA ASP D 303 12.15 -28.24 -7.26
C ASP D 303 13.28 -28.67 -6.32
N ALA D 304 12.97 -28.77 -5.03
CA ALA D 304 13.99 -28.96 -4.01
C ALA D 304 14.73 -30.29 -4.13
N LEU D 305 14.21 -31.24 -4.90
CA LEU D 305 14.85 -32.54 -5.06
C LEU D 305 15.67 -32.66 -6.34
N LYS D 306 15.36 -31.85 -7.35
CA LYS D 306 16.08 -31.87 -8.62
C LYS D 306 16.86 -30.60 -8.90
N ALA D 307 16.64 -29.53 -8.13
CA ALA D 307 17.31 -28.25 -8.32
C ALA D 307 17.02 -27.68 -9.70
N ASP D 308 15.74 -27.75 -10.11
CA ASP D 308 15.28 -27.15 -11.34
C ASP D 308 14.24 -26.09 -11.05
N ARG D 309 14.23 -25.04 -11.85
CA ARG D 309 13.30 -23.91 -11.66
C ARG D 309 11.90 -24.37 -12.02
N ALA D 310 11.08 -24.62 -11.01
CA ALA D 310 9.70 -25.03 -11.26
C ALA D 310 8.85 -23.86 -11.75
N GLY D 311 9.07 -22.67 -11.20
CA GLY D 311 8.24 -21.55 -11.63
C GLY D 311 8.75 -20.23 -11.10
N VAL D 312 8.03 -19.17 -11.48
CA VAL D 312 8.34 -17.81 -11.07
C VAL D 312 7.07 -17.11 -10.61
N LEU D 313 7.18 -16.31 -9.57
CA LEU D 313 6.09 -15.47 -9.07
C LEU D 313 6.46 -14.02 -9.38
N ALA D 314 5.97 -13.52 -10.52
CA ALA D 314 6.24 -12.16 -10.93
C ALA D 314 5.06 -11.25 -10.62
N GLY D 315 5.28 -9.96 -10.78
CA GLY D 315 4.23 -9.00 -10.49
C GLY D 315 4.44 -8.21 -9.22
N HIS D 316 5.67 -7.77 -8.97
CA HIS D 316 5.97 -6.78 -7.95
C HIS D 316 6.73 -5.62 -8.56
N ASP D 317 6.38 -4.41 -8.14
CA ASP D 317 7.06 -3.23 -8.65
C ASP D 317 8.48 -3.13 -8.10
N ASN D 318 8.67 -3.39 -6.81
CA ASN D 318 9.96 -3.22 -6.15
C ASN D 318 10.39 -4.54 -5.52
N ARG D 319 11.54 -4.51 -4.85
CA ARG D 319 12.17 -5.72 -4.33
C ARG D 319 11.28 -6.43 -3.32
N VAL D 320 11.21 -7.75 -3.45
CA VAL D 320 10.50 -8.58 -2.47
C VAL D 320 11.35 -8.71 -1.22
N SER D 321 10.77 -8.34 -0.07
CA SER D 321 11.50 -8.30 1.19
C SER D 321 11.25 -9.52 2.06
N CYS D 322 9.99 -9.93 2.22
CA CYS D 322 9.63 -11.03 3.10
C CYS D 322 8.74 -12.01 2.36
N LEU D 323 8.83 -13.28 2.75
CA LEU D 323 8.08 -14.33 2.08
C LEU D 323 7.82 -15.46 3.07
N GLY D 324 6.57 -15.92 3.14
CA GLY D 324 6.20 -16.97 4.07
C GLY D 324 5.15 -17.88 3.46
N VAL D 325 5.07 -19.09 4.00
CA VAL D 325 4.14 -20.11 3.56
C VAL D 325 3.25 -20.50 4.72
N THR D 326 1.95 -20.62 4.46
CA THR D 326 1.00 -20.95 5.50
C THR D 326 1.23 -22.37 6.01
N ASP D 327 0.65 -22.65 7.19
CA ASP D 327 0.96 -23.90 7.88
C ASP D 327 0.44 -25.13 7.13
N ASP D 328 -0.70 -25.01 6.43
CA ASP D 328 -1.27 -26.13 5.70
C ASP D 328 -0.94 -26.09 4.21
N GLY D 329 -0.09 -25.19 3.78
CA GLY D 329 0.37 -25.16 2.40
C GLY D 329 -0.63 -24.64 1.39
N MET D 330 -1.69 -23.96 1.83
CA MET D 330 -2.70 -23.48 0.90
C MET D 330 -2.21 -22.27 0.11
N ALA D 331 -1.53 -21.33 0.76
CA ALA D 331 -1.18 -20.06 0.13
C ALA D 331 0.22 -19.62 0.55
N VAL D 332 0.79 -18.72 -0.25
CA VAL D 332 2.09 -18.13 0.03
C VAL D 332 1.92 -16.62 0.09
N ALA D 333 2.36 -16.02 1.20
CA ALA D 333 2.30 -14.57 1.37
C ALA D 333 3.65 -13.96 1.04
N THR D 334 3.62 -12.84 0.32
CA THR D 334 4.85 -12.16 -0.10
C THR D 334 4.68 -10.67 0.13
N GLY D 335 5.60 -10.08 0.88
CA GLY D 335 5.64 -8.64 1.09
C GLY D 335 6.90 -8.06 0.47
N SER D 336 6.77 -6.88 -0.14
CA SER D 336 7.86 -6.28 -0.89
C SER D 336 8.08 -4.84 -0.42
N TRP D 337 9.12 -4.22 -0.97
CA TRP D 337 9.37 -2.81 -0.74
C TRP D 337 8.37 -1.92 -1.43
N ASP D 338 7.50 -2.47 -2.28
CA ASP D 338 6.46 -1.72 -2.97
C ASP D 338 5.32 -1.32 -2.04
N SER D 339 5.32 -1.81 -0.79
CA SER D 339 4.25 -1.55 0.17
C SER D 339 2.95 -2.23 -0.24
N PHE D 340 3.07 -3.45 -0.76
CA PHE D 340 1.93 -4.30 -1.08
C PHE D 340 2.20 -5.70 -0.57
N LEU D 341 1.16 -6.36 -0.07
CA LEU D 341 1.24 -7.76 0.33
C LEU D 341 0.38 -8.57 -0.63
N LYS D 342 0.98 -9.59 -1.23
CA LYS D 342 0.28 -10.43 -2.21
C LYS D 342 0.24 -11.86 -1.71
N ILE D 343 -0.95 -12.46 -1.74
CA ILE D 343 -1.16 -13.85 -1.37
C ILE D 343 -1.37 -14.62 -2.66
N TRP D 344 -0.62 -15.71 -2.83
CA TRP D 344 -0.63 -16.50 -4.05
C TRP D 344 -1.10 -17.92 -3.77
N ASN D 345 -1.78 -18.50 -4.74
CA ASN D 345 -2.31 -19.85 -4.63
C ASN D 345 -2.21 -20.56 -5.98
N ILE E 9 44.87 -16.26 23.27
CA ILE E 9 45.17 -17.38 24.15
C ILE E 9 43.89 -18.09 24.56
N ALA E 10 43.09 -17.42 25.40
CA ALA E 10 41.84 -18.01 25.85
C ALA E 10 40.88 -18.21 24.69
N GLN E 11 40.81 -17.24 23.76
CA GLN E 11 39.95 -17.39 22.60
C GLN E 11 40.37 -18.58 21.74
N ALA E 12 41.68 -18.75 21.53
CA ALA E 12 42.15 -19.88 20.73
C ALA E 12 41.85 -21.20 21.42
N ARG E 13 42.02 -21.27 22.75
CA ARG E 13 41.72 -22.49 23.48
C ARG E 13 40.23 -22.83 23.39
N LYS E 14 39.37 -21.83 23.54
CA LYS E 14 37.93 -22.06 23.43
C LYS E 14 37.57 -22.51 22.03
N LEU E 15 38.17 -21.90 21.00
CA LEU E 15 37.90 -22.31 19.63
C LEU E 15 38.34 -23.75 19.39
N VAL E 16 39.51 -24.13 19.91
CA VAL E 16 39.99 -25.50 19.74
C VAL E 16 39.04 -26.48 20.43
N GLU E 17 38.62 -26.15 21.66
CA GLU E 17 37.71 -27.05 22.37
C GLU E 17 36.37 -27.19 21.65
N GLN E 18 35.81 -26.08 21.17
CA GLN E 18 34.55 -26.13 20.45
C GLN E 18 34.68 -26.92 19.16
N LEU E 19 35.79 -26.74 18.44
CA LEU E 19 35.97 -27.42 17.16
C LEU E 19 36.17 -28.92 17.40
N LYS E 20 36.87 -29.28 18.47
CA LYS E 20 37.00 -30.69 18.82
C LYS E 20 35.65 -31.30 19.19
N MET E 21 34.82 -30.55 19.93
CA MET E 21 33.49 -31.04 20.28
C MET E 21 32.64 -31.24 19.04
N GLU E 22 32.71 -30.32 18.08
CA GLU E 22 31.98 -30.48 16.83
C GLU E 22 32.56 -31.60 15.99
N ALA E 23 33.84 -31.93 16.17
CA ALA E 23 34.47 -32.96 15.36
C ALA E 23 34.06 -34.36 15.79
N ASN E 24 33.90 -34.60 17.10
CA ASN E 24 33.62 -35.94 17.61
C ASN E 24 32.12 -36.20 17.63
N ILE E 25 31.54 -36.28 16.43
CA ILE E 25 30.13 -36.55 16.27
C ILE E 25 29.94 -37.65 15.22
N ASP E 26 28.76 -38.25 15.23
CA ASP E 26 28.41 -39.31 14.30
C ASP E 26 27.85 -38.72 13.02
N ARG E 27 28.10 -39.40 11.90
CA ARG E 27 27.66 -38.95 10.60
C ARG E 27 27.08 -40.12 9.82
N ILE E 28 26.02 -39.86 9.07
CA ILE E 28 25.39 -40.86 8.22
C ILE E 28 25.66 -40.51 6.76
N LYS E 29 25.65 -41.53 5.92
CA LYS E 29 26.00 -41.37 4.52
C LYS E 29 25.02 -40.45 3.80
N VAL E 30 25.51 -39.80 2.75
CA VAL E 30 24.66 -38.92 1.95
C VAL E 30 23.54 -39.72 1.28
N SER E 31 23.81 -40.97 0.93
CA SER E 31 22.77 -41.80 0.31
C SER E 31 21.59 -41.99 1.26
N LYS E 32 21.87 -42.25 2.54
CA LYS E 32 20.79 -42.45 3.50
C LYS E 32 19.97 -41.18 3.69
N ALA E 33 20.64 -40.03 3.78
CA ALA E 33 19.92 -38.76 3.95
C ALA E 33 19.08 -38.45 2.72
N ALA E 34 19.62 -38.70 1.52
CA ALA E 34 18.86 -38.49 0.29
C ALA E 34 17.64 -39.40 0.24
N ALA E 35 17.81 -40.66 0.62
CA ALA E 35 16.68 -41.59 0.67
C ALA E 35 15.62 -41.11 1.66
N ASP E 36 16.06 -40.61 2.82
CA ASP E 36 15.11 -40.12 3.82
C ASP E 36 14.32 -38.93 3.29
N LEU E 37 15.00 -37.97 2.67
CA LEU E 37 14.31 -36.81 2.11
C LEU E 37 13.34 -37.21 1.02
N MET E 38 13.76 -38.11 0.13
CA MET E 38 12.89 -38.58 -0.93
C MET E 38 11.67 -39.29 -0.37
N ALA E 39 11.88 -40.14 0.64
CA ALA E 39 10.76 -40.86 1.24
C ALA E 39 9.77 -39.91 1.89
N TYR E 40 10.26 -38.89 2.60
CA TYR E 40 9.35 -37.93 3.22
C TYR E 40 8.56 -37.18 2.16
N CYS E 41 9.23 -36.73 1.10
CA CYS E 41 8.55 -35.98 0.05
C CYS E 41 7.50 -36.85 -0.65
N GLU E 42 7.84 -38.11 -0.92
CA GLU E 42 6.88 -38.99 -1.58
C GLU E 42 5.71 -39.36 -0.68
N ALA E 43 5.95 -39.47 0.63
CA ALA E 43 4.86 -39.83 1.54
C ALA E 43 3.91 -38.67 1.77
N HIS E 44 4.43 -37.45 1.86
CA HIS E 44 3.60 -36.30 2.17
C HIS E 44 3.22 -35.48 0.95
N ALA E 45 3.43 -36.01 -0.26
CA ALA E 45 3.14 -35.25 -1.47
C ALA E 45 1.66 -35.04 -1.69
N LYS E 46 0.82 -36.01 -1.28
CA LYS E 46 -0.60 -35.97 -1.63
C LYS E 46 -1.30 -34.76 -1.02
N GLU E 47 -0.98 -34.44 0.23
CA GLU E 47 -1.65 -33.35 0.94
C GLU E 47 -0.93 -32.01 0.81
N ASP E 48 -0.24 -31.78 -0.31
CA ASP E 48 0.40 -30.49 -0.57
C ASP E 48 -0.44 -29.74 -1.58
N PRO E 49 -1.15 -28.68 -1.18
CA PRO E 49 -1.96 -27.92 -2.15
C PRO E 49 -1.15 -27.28 -3.26
N LEU E 50 0.08 -26.85 -2.97
CA LEU E 50 0.86 -26.13 -3.99
C LEU E 50 1.37 -27.08 -5.07
N LEU E 51 1.74 -28.30 -4.70
CA LEU E 51 2.09 -29.30 -5.71
C LEU E 51 0.86 -29.74 -6.49
N THR E 52 -0.20 -30.09 -5.79
CA THR E 52 -1.45 -30.56 -6.39
C THR E 52 -2.55 -29.55 -6.08
N PRO E 53 -2.89 -28.67 -7.02
CA PRO E 53 -3.90 -27.65 -6.71
C PRO E 53 -5.24 -28.25 -6.33
N VAL E 54 -5.89 -27.64 -5.35
CA VAL E 54 -7.19 -28.11 -4.86
C VAL E 54 -8.28 -27.56 -5.79
N PRO E 55 -9.44 -28.22 -5.87
CA PRO E 55 -10.55 -27.64 -6.64
C PRO E 55 -10.99 -26.33 -6.05
N ALA E 56 -11.52 -25.46 -6.93
CA ALA E 56 -11.92 -24.12 -6.50
C ALA E 56 -13.03 -24.16 -5.45
N SER E 57 -13.77 -25.27 -5.35
CA SER E 57 -14.81 -25.38 -4.34
C SER E 57 -14.22 -25.36 -2.93
N GLU E 58 -13.10 -26.04 -2.73
CA GLU E 58 -12.46 -26.10 -1.42
C GLU E 58 -11.31 -25.13 -1.26
N ASN E 59 -11.05 -24.29 -2.26
CA ASN E 59 -10.01 -23.27 -2.15
C ASN E 59 -10.54 -22.10 -1.34
N PRO E 60 -9.95 -21.77 -0.19
CA PRO E 60 -10.47 -20.67 0.62
C PRO E 60 -10.19 -19.28 0.08
N PHE E 61 -9.32 -19.15 -0.92
CA PHE E 61 -8.96 -17.85 -1.48
C PHE E 61 -9.53 -17.65 -2.88
N ARG E 62 -10.68 -18.26 -3.15
CA ARG E 62 -11.35 -18.11 -4.44
C ARG E 62 -12.83 -18.41 -4.32
N ASP F 1 -10.49 -1.18 35.89
CA ASP F 1 -11.70 -1.96 36.12
C ASP F 1 -12.80 -1.54 35.15
N VAL F 2 -13.29 -2.52 34.37
CA VAL F 2 -14.35 -2.24 33.41
C VAL F 2 -15.62 -1.89 34.16
N GLN F 3 -16.25 -0.78 33.80
CA GLN F 3 -17.42 -0.29 34.51
C GLN F 3 -18.33 0.47 33.56
N LEU F 4 -19.60 0.08 33.53
CA LEU F 4 -20.66 0.83 32.88
C LEU F 4 -21.72 1.16 33.91
N VAL F 5 -21.89 2.45 34.19
CA VAL F 5 -22.83 2.91 35.21
C VAL F 5 -23.93 3.70 34.51
N GLU F 6 -25.16 3.24 34.65
CA GLU F 6 -26.30 3.88 34.01
C GLU F 6 -27.10 4.69 35.03
N SER F 7 -27.64 5.81 34.56
CA SER F 7 -28.41 6.71 35.42
C SER F 7 -29.48 7.39 34.58
N GLY F 8 -30.33 8.16 35.25
CA GLY F 8 -31.38 8.88 34.58
C GLY F 8 -32.69 8.15 34.42
N GLY F 9 -32.99 7.19 35.29
CA GLY F 9 -34.23 6.45 35.25
C GLY F 9 -35.09 6.72 36.46
N GLY F 10 -36.40 6.70 36.27
CA GLY F 10 -37.32 6.95 37.36
C GLY F 10 -38.78 6.84 36.96
N LEU F 11 -39.64 7.58 37.66
CA LEU F 11 -41.08 7.53 37.42
C LEU F 11 -41.49 8.68 36.50
N VAL F 12 -42.22 8.35 35.44
CA VAL F 12 -42.70 9.33 34.47
C VAL F 12 -44.20 9.15 34.29
N GLN F 13 -44.81 10.11 33.61
CA GLN F 13 -46.20 10.04 33.19
C GLN F 13 -46.28 9.73 31.70
N PRO F 14 -47.34 9.06 31.25
CA PRO F 14 -47.49 8.81 29.82
C PRO F 14 -47.52 10.12 29.03
N GLY F 15 -46.87 10.10 27.87
CA GLY F 15 -46.71 11.30 27.06
C GLY F 15 -45.48 12.12 27.37
N GLY F 16 -44.73 11.77 28.42
CA GLY F 16 -43.54 12.49 28.79
C GLY F 16 -42.31 12.00 28.07
N SER F 17 -41.18 12.59 28.41
CA SER F 17 -39.88 12.26 27.82
C SER F 17 -38.87 12.00 28.93
N ARG F 18 -37.82 11.27 28.57
CA ARG F 18 -36.78 10.92 29.53
C ARG F 18 -35.47 10.72 28.78
N LYS F 19 -34.35 10.84 29.50
CA LYS F 19 -33.02 10.68 28.93
C LYS F 19 -32.21 9.79 29.84
N LEU F 20 -31.75 8.66 29.32
CA LEU F 20 -30.97 7.69 30.08
C LEU F 20 -29.50 7.82 29.68
N SER F 21 -28.61 7.84 30.67
CA SER F 21 -27.18 8.00 30.44
C SER F 21 -26.45 6.75 30.91
N CYS F 22 -25.27 6.53 30.30
CA CYS F 22 -24.45 5.36 30.61
C CYS F 22 -22.99 5.78 30.50
N SER F 23 -22.33 5.94 31.63
CA SER F 23 -20.93 6.35 31.67
C SER F 23 -20.03 5.13 31.73
N ALA F 24 -19.02 5.10 30.87
CA ALA F 24 -18.12 3.96 30.75
C ALA F 24 -16.71 4.35 31.20
N SER F 25 -16.08 3.46 31.95
CA SER F 25 -14.71 3.67 32.42
C SER F 25 -14.00 2.33 32.46
N GLY F 26 -12.67 2.40 32.36
CA GLY F 26 -11.84 1.22 32.43
C GLY F 26 -11.60 0.50 31.12
N PHE F 27 -12.10 1.02 30.00
CA PHE F 27 -11.86 0.41 28.70
C PHE F 27 -11.98 1.47 27.61
N ALA F 28 -11.47 1.14 26.44
CA ALA F 28 -11.49 2.04 25.29
C ALA F 28 -12.90 2.18 24.72
N PHE F 29 -13.63 3.19 25.17
CA PHE F 29 -15.04 3.32 24.80
C PHE F 29 -15.23 3.53 23.31
N SER F 30 -14.28 4.17 22.64
CA SER F 30 -14.45 4.52 21.23
C SER F 30 -14.33 3.33 20.30
N SER F 31 -13.81 2.20 20.77
CA SER F 31 -13.64 1.02 19.93
C SER F 31 -14.75 0.00 20.10
N PHE F 32 -15.76 0.29 20.90
CA PHE F 32 -16.81 -0.66 21.24
C PHE F 32 -18.15 -0.15 20.74
N GLY F 33 -18.89 -1.00 20.03
CA GLY F 33 -20.28 -0.74 19.76
C GLY F 33 -21.14 -0.95 20.99
N MET F 34 -22.29 -0.28 21.02
CA MET F 34 -23.12 -0.25 22.21
C MET F 34 -24.54 -0.70 21.90
N HIS F 35 -25.15 -1.36 22.88
CA HIS F 35 -26.51 -1.85 22.81
C HIS F 35 -27.26 -1.45 24.06
N TRP F 36 -28.57 -1.22 23.90
CA TRP F 36 -29.49 -1.09 25.03
C TRP F 36 -30.41 -2.30 25.05
N VAL F 37 -30.47 -2.98 26.19
CA VAL F 37 -31.29 -4.18 26.34
C VAL F 37 -32.17 -4.00 27.57
N ARG F 38 -33.48 -4.05 27.39
CA ARG F 38 -34.40 -3.81 28.50
C ARG F 38 -35.09 -5.10 28.93
N GLN F 39 -35.41 -5.17 30.21
CA GLN F 39 -36.08 -6.31 30.81
C GLN F 39 -37.31 -5.83 31.55
N ALA F 40 -38.47 -6.37 31.19
CA ALA F 40 -39.70 -6.03 31.87
C ALA F 40 -39.67 -6.55 33.31
N PRO F 41 -40.52 -6.00 34.21
CA PRO F 41 -40.50 -6.42 35.62
C PRO F 41 -40.38 -7.93 35.83
N GLU F 42 -41.30 -8.71 35.25
CA GLU F 42 -41.22 -10.17 35.29
C GLU F 42 -41.42 -10.68 33.86
N LYS F 43 -40.34 -10.68 33.10
CA LYS F 43 -40.33 -11.13 31.70
C LYS F 43 -38.89 -11.38 31.30
N GLY F 44 -38.67 -11.63 30.01
CA GLY F 44 -37.35 -11.88 29.48
C GLY F 44 -36.68 -10.63 28.96
N LEU F 45 -35.51 -10.83 28.37
CA LEU F 45 -34.73 -9.72 27.83
C LEU F 45 -35.24 -9.32 26.45
N GLU F 46 -35.12 -8.03 26.15
CA GLU F 46 -35.61 -7.49 24.88
C GLU F 46 -34.66 -6.41 24.39
N TRP F 47 -34.14 -6.58 23.18
CA TRP F 47 -33.20 -5.63 22.61
C TRP F 47 -33.92 -4.36 22.20
N VAL F 48 -33.23 -3.21 22.37
CA VAL F 48 -33.85 -1.91 22.14
C VAL F 48 -33.18 -1.18 20.98
N ALA F 49 -31.89 -0.92 21.09
CA ALA F 49 -31.21 -0.11 20.08
C ALA F 49 -29.73 -0.44 20.08
N TYR F 50 -29.08 -0.10 18.97
CA TYR F 50 -27.67 -0.38 18.74
C TYR F 50 -27.02 0.80 18.04
N ILE F 51 -25.81 1.15 18.47
CA ILE F 51 -24.99 2.15 17.81
C ILE F 51 -23.59 1.58 17.62
N SER F 52 -22.98 1.89 16.48
CA SER F 52 -21.67 1.35 16.16
C SER F 52 -20.58 2.35 16.54
N SER F 53 -19.33 1.94 16.35
CA SER F 53 -18.19 2.82 16.63
C SER F 53 -18.15 3.95 15.60
N GLY F 54 -18.06 5.18 16.09
CA GLY F 54 -18.09 6.33 15.20
C GLY F 54 -19.46 6.72 14.71
N SER F 55 -20.53 6.14 15.27
CA SER F 55 -21.91 6.45 14.92
C SER F 55 -22.22 6.15 13.45
N GLY F 56 -21.47 5.23 12.85
CA GLY F 56 -21.70 4.90 11.44
C GLY F 56 -23.05 4.22 11.22
N THR F 57 -23.41 3.27 12.07
CA THR F 57 -24.62 2.49 11.90
C THR F 57 -25.45 2.54 13.17
N ILE F 58 -26.75 2.78 13.01
CA ILE F 58 -27.68 2.87 14.13
C ILE F 58 -28.90 2.02 13.81
N TYR F 59 -29.31 1.19 14.77
CA TYR F 59 -30.47 0.31 14.61
C TYR F 59 -31.42 0.50 15.79
N TYR F 60 -32.72 0.44 15.50
CA TYR F 60 -33.75 0.52 16.52
C TYR F 60 -34.70 -0.65 16.38
N ALA F 61 -35.33 -1.02 17.49
CA ALA F 61 -36.41 -1.98 17.46
C ALA F 61 -37.66 -1.35 16.82
N ASP F 62 -38.52 -2.21 16.26
CA ASP F 62 -39.69 -1.70 15.57
C ASP F 62 -40.70 -1.06 16.52
N THR F 63 -40.58 -1.32 17.82
CA THR F 63 -41.48 -0.70 18.80
C THR F 63 -40.91 0.58 19.41
N VAL F 64 -39.72 1.00 18.98
CA VAL F 64 -39.10 2.20 19.53
C VAL F 64 -38.64 3.11 18.40
N LYS F 65 -38.95 2.73 17.16
CA LYS F 65 -38.57 3.55 16.02
C LYS F 65 -39.41 4.81 15.97
N GLY F 66 -38.75 5.96 15.81
CA GLY F 66 -39.43 7.23 15.80
C GLY F 66 -39.72 7.82 17.16
N ARG F 67 -39.42 7.09 18.23
CA ARG F 67 -39.59 7.57 19.59
C ARG F 67 -38.31 7.57 20.39
N PHE F 68 -37.42 6.61 20.16
CA PHE F 68 -36.17 6.47 20.90
C PHE F 68 -35.01 6.82 19.98
N THR F 69 -34.05 7.58 20.51
CA THR F 69 -32.88 7.99 19.76
C THR F 69 -31.63 7.70 20.59
N ILE F 70 -30.73 6.90 20.03
CA ILE F 70 -29.49 6.55 20.72
C ILE F 70 -28.36 7.42 20.19
N SER F 71 -27.43 7.79 21.06
CA SER F 71 -26.26 8.56 20.66
C SER F 71 -25.18 8.36 21.72
N ARG F 72 -23.97 8.79 21.37
CA ARG F 72 -22.82 8.62 22.25
C ARG F 72 -21.99 9.89 22.25
N ASP F 73 -20.98 9.90 23.12
CA ASP F 73 -20.04 11.01 23.25
C ASP F 73 -18.71 10.40 23.71
N ASP F 74 -17.79 10.29 22.77
CA ASP F 74 -16.54 9.57 22.99
C ASP F 74 -15.55 10.32 23.88
N PRO F 75 -15.33 11.63 23.69
CA PRO F 75 -14.41 12.34 24.60
C PRO F 75 -14.84 12.27 26.05
N LYS F 76 -16.14 12.28 26.35
CA LYS F 76 -16.62 12.17 27.71
C LYS F 76 -17.00 10.75 28.11
N ASN F 77 -16.85 9.79 27.20
CA ASN F 77 -17.11 8.38 27.48
C ASN F 77 -18.53 8.16 28.02
N THR F 78 -19.51 8.63 27.25
CA THR F 78 -20.91 8.53 27.65
C THR F 78 -21.73 7.98 26.49
N LEU F 79 -22.81 7.28 26.83
CA LEU F 79 -23.77 6.79 25.83
C LEU F 79 -25.17 7.04 26.37
N PHE F 80 -25.99 7.79 25.63
CA PHE F 80 -27.29 8.16 26.13
C PHE F 80 -28.38 7.89 25.11
N LEU F 81 -29.53 7.49 25.64
CA LEU F 81 -30.73 7.18 24.87
C LEU F 81 -31.85 8.12 25.31
N GLN F 82 -32.44 8.82 24.34
CA GLN F 82 -33.51 9.77 24.60
C GLN F 82 -34.83 9.15 24.16
N MET F 83 -35.78 9.07 25.09
CA MET F 83 -37.07 8.44 24.85
C MET F 83 -38.15 9.51 24.92
N THR F 84 -39.06 9.49 23.93
CA THR F 84 -40.12 10.47 23.83
C THR F 84 -41.46 9.75 23.72
N SER F 85 -42.49 10.38 24.28
CA SER F 85 -43.86 9.83 24.27
C SER F 85 -43.90 8.45 24.91
N LEU F 86 -43.44 8.40 26.16
CA LEU F 86 -43.38 7.12 26.87
C LEU F 86 -44.77 6.61 27.18
N ARG F 87 -44.94 5.29 27.07
CA ARG F 87 -46.20 4.61 27.32
C ARG F 87 -46.01 3.59 28.43
N SER F 88 -47.13 3.00 28.87
CA SER F 88 -47.11 2.09 30.01
C SER F 88 -46.32 0.82 29.72
N GLU F 89 -46.09 0.48 28.45
CA GLU F 89 -45.32 -0.71 28.11
C GLU F 89 -43.83 -0.46 28.10
N ASP F 90 -43.39 0.76 28.36
CA ASP F 90 -41.97 1.11 28.38
C ASP F 90 -41.35 0.95 29.77
N THR F 91 -42.11 0.47 30.75
CA THR F 91 -41.56 0.22 32.08
C THR F 91 -40.65 -0.99 32.03
N ALA F 92 -39.37 -0.80 32.37
CA ALA F 92 -38.40 -1.88 32.29
C ALA F 92 -37.09 -1.42 32.93
N MET F 93 -36.19 -2.37 33.11
CA MET F 93 -34.82 -2.11 33.54
C MET F 93 -33.92 -2.16 32.31
N TYR F 94 -33.26 -1.05 32.00
CA TYR F 94 -32.42 -0.94 30.83
C TYR F 94 -30.97 -1.26 31.17
N TYR F 95 -30.28 -1.89 30.24
CA TYR F 95 -28.90 -2.33 30.42
C TYR F 95 -28.05 -1.80 29.27
N CYS F 96 -26.93 -1.20 29.63
CA CYS F 96 -25.89 -0.77 28.69
C CYS F 96 -24.97 -1.96 28.43
N VAL F 97 -24.82 -2.34 27.17
CA VAL F 97 -24.04 -3.52 26.79
C VAL F 97 -22.98 -3.09 25.79
N ARG F 98 -21.74 -3.54 25.99
CA ARG F 98 -20.65 -3.30 25.07
C ARG F 98 -20.45 -4.52 24.18
N SER F 99 -19.97 -4.27 22.97
CA SER F 99 -19.80 -5.34 21.99
C SER F 99 -18.78 -4.91 20.95
N ILE F 100 -17.75 -5.72 20.74
CA ILE F 100 -16.69 -5.41 19.79
C ILE F 100 -16.70 -6.48 18.70
N TYR F 101 -16.61 -6.02 17.45
CA TYR F 101 -16.75 -6.91 16.29
C TYR F 101 -15.47 -6.89 15.47
N TYR F 102 -14.72 -7.98 15.57
CA TYR F 102 -13.65 -8.28 14.63
C TYR F 102 -13.48 -9.80 14.61
N TYR F 103 -12.60 -10.28 13.75
CA TYR F 103 -12.45 -11.72 13.60
C TYR F 103 -11.97 -12.34 14.90
N GLY F 104 -12.68 -13.37 15.36
CA GLY F 104 -12.34 -14.04 16.61
C GLY F 104 -12.54 -13.22 17.86
N SER F 105 -13.59 -12.40 17.89
CA SER F 105 -13.91 -11.58 19.06
C SER F 105 -15.16 -12.11 19.75
N SER F 106 -15.37 -11.66 20.97
CA SER F 106 -16.51 -12.10 21.78
C SER F 106 -17.43 -10.92 22.05
N PRO F 107 -18.50 -10.75 21.27
CA PRO F 107 -19.44 -9.67 21.54
C PRO F 107 -20.27 -9.95 22.79
N PHE F 108 -20.92 -8.89 23.30
CA PHE F 108 -21.81 -8.97 24.45
C PHE F 108 -21.08 -9.52 25.68
N ASP F 109 -19.81 -9.15 25.83
CA ASP F 109 -19.02 -9.70 26.92
C ASP F 109 -19.34 -9.04 28.26
N PHE F 110 -19.59 -7.74 28.28
CA PHE F 110 -19.82 -7.02 29.51
C PHE F 110 -21.16 -6.30 29.48
N TRP F 111 -21.90 -6.39 30.58
CA TRP F 111 -23.19 -5.75 30.75
C TRP F 111 -23.12 -4.74 31.89
N GLY F 112 -23.95 -3.70 31.79
CA GLY F 112 -24.02 -2.71 32.83
C GLY F 112 -24.86 -3.15 34.01
N GLN F 113 -24.96 -2.26 35.00
CA GLN F 113 -25.69 -2.58 36.22
C GLN F 113 -27.21 -2.53 36.03
N GLY F 114 -27.70 -1.64 35.19
CA GLY F 114 -29.12 -1.52 34.93
C GLY F 114 -29.73 -0.30 35.60
N THR F 115 -30.68 0.32 34.91
CA THR F 115 -31.42 1.46 35.45
C THR F 115 -32.91 1.23 35.21
N THR F 116 -33.71 1.42 36.25
CA THR F 116 -35.12 1.07 36.22
C THR F 116 -35.95 2.29 35.86
N LEU F 117 -36.81 2.16 34.85
CA LEU F 117 -37.74 3.19 34.43
C LEU F 117 -39.16 2.66 34.57
N THR F 118 -40.00 3.41 35.26
CA THR F 118 -41.39 3.03 35.50
C THR F 118 -42.30 4.10 34.91
N VAL F 119 -43.27 3.65 34.11
CA VAL F 119 -44.23 4.54 33.45
C VAL F 119 -45.63 4.16 33.91
N SER F 120 -46.40 5.15 34.34
CA SER F 120 -47.77 4.91 34.80
C SER F 120 -48.60 6.19 34.74
N ASP F 137 -38.81 -11.79 11.49
CA ASP F 137 -38.05 -11.86 12.73
C ASP F 137 -37.85 -13.31 13.15
N ILE F 138 -36.60 -13.67 13.45
CA ILE F 138 -36.30 -15.02 13.90
C ILE F 138 -36.83 -15.20 15.31
N VAL F 139 -37.60 -16.27 15.53
CA VAL F 139 -38.22 -16.54 16.81
C VAL F 139 -37.44 -17.64 17.51
N MET F 140 -36.99 -17.37 18.73
CA MET F 140 -36.26 -18.34 19.54
C MET F 140 -37.16 -18.82 20.67
N THR F 141 -37.28 -20.13 20.80
CA THR F 141 -38.17 -20.75 21.79
C THR F 141 -37.35 -21.57 22.76
N GLN F 142 -37.53 -21.30 24.06
CA GLN F 142 -36.92 -22.10 25.12
C GLN F 142 -37.89 -23.19 25.53
N ALA F 143 -37.41 -24.43 25.54
CA ALA F 143 -38.30 -25.58 25.70
C ALA F 143 -38.97 -25.59 27.07
N THR F 144 -38.18 -25.46 28.14
CA THR F 144 -38.67 -25.60 29.49
C THR F 144 -38.57 -24.28 30.23
N SER F 145 -39.66 -23.88 30.88
CA SER F 145 -39.67 -22.64 31.65
C SER F 145 -38.91 -22.79 32.96
N SER F 146 -39.08 -23.91 33.66
CA SER F 146 -38.44 -24.15 34.94
C SER F 146 -37.90 -25.56 35.00
N VAL F 147 -36.77 -25.72 35.69
CA VAL F 147 -36.14 -27.03 35.84
C VAL F 147 -35.62 -27.18 37.27
N PRO F 148 -36.04 -28.22 38.00
CA PRO F 148 -35.46 -28.46 39.33
C PRO F 148 -34.20 -29.31 39.27
N VAL F 149 -33.15 -28.89 39.96
CA VAL F 149 -31.85 -29.54 39.86
C VAL F 149 -31.26 -29.69 41.26
N THR F 150 -30.28 -30.59 41.37
CA THR F 150 -29.52 -30.83 42.58
C THR F 150 -28.04 -30.73 42.27
N PRO F 151 -27.22 -30.31 43.24
CA PRO F 151 -25.78 -30.16 42.98
C PRO F 151 -25.12 -31.48 42.63
N GLY F 152 -24.09 -31.39 41.80
CA GLY F 152 -23.34 -32.57 41.39
C GLY F 152 -23.95 -33.36 40.25
N GLU F 153 -24.95 -32.80 39.56
CA GLU F 153 -25.64 -33.51 38.49
C GLU F 153 -25.58 -32.68 37.21
N SER F 154 -25.32 -33.34 36.09
CA SER F 154 -25.29 -32.66 34.81
C SER F 154 -26.69 -32.26 34.38
N VAL F 155 -26.81 -31.09 33.76
CA VAL F 155 -28.08 -30.57 33.28
C VAL F 155 -27.89 -30.02 31.87
N SER F 156 -28.98 -29.97 31.12
CA SER F 156 -28.97 -29.49 29.75
C SER F 156 -30.13 -28.53 29.52
N ILE F 157 -29.86 -27.41 28.88
CA ILE F 157 -30.86 -26.40 28.55
C ILE F 157 -30.91 -26.29 27.03
N SER F 158 -32.07 -26.55 26.45
CA SER F 158 -32.24 -26.60 25.00
C SER F 158 -33.13 -25.44 24.52
N CYS F 159 -32.79 -24.89 23.36
CA CYS F 159 -33.70 -23.95 22.72
C CYS F 159 -33.59 -24.09 21.21
N ARG F 160 -34.67 -23.69 20.53
CA ARG F 160 -34.82 -23.88 19.10
C ARG F 160 -35.05 -22.53 18.41
N SER F 161 -34.69 -22.49 17.12
CA SER F 161 -34.82 -21.29 16.32
C SER F 161 -35.73 -21.56 15.13
N SER F 162 -36.49 -20.53 14.74
CA SER F 162 -37.41 -20.66 13.62
C SER F 162 -36.69 -20.67 12.27
N LYS F 163 -35.49 -20.09 12.19
CA LYS F 163 -34.71 -20.05 10.97
C LYS F 163 -33.28 -20.48 11.29
N SER F 164 -32.66 -21.18 10.34
CA SER F 164 -31.32 -21.69 10.55
C SER F 164 -30.35 -20.57 10.86
N LEU F 165 -29.54 -20.76 11.90
CA LEU F 165 -28.57 -19.77 12.34
C LEU F 165 -27.18 -19.98 11.76
N LEU F 166 -27.00 -20.99 10.92
CA LEU F 166 -25.71 -21.28 10.32
C LEU F 166 -25.56 -20.47 9.04
N HIS F 167 -24.49 -19.67 8.98
CA HIS F 167 -24.23 -18.83 7.82
C HIS F 167 -23.30 -19.55 6.84
N SER F 168 -23.10 -18.94 5.67
CA SER F 168 -22.24 -19.54 4.67
C SER F 168 -20.79 -19.61 5.13
N ASN F 169 -20.36 -18.66 5.96
CA ASN F 169 -18.99 -18.68 6.47
C ASN F 169 -18.75 -19.78 7.49
N GLY F 170 -19.80 -20.46 7.95
CA GLY F 170 -19.64 -21.54 8.90
C GLY F 170 -19.80 -21.14 10.34
N ASN F 171 -20.46 -20.03 10.63
CA ASN F 171 -20.62 -19.53 11.98
C ASN F 171 -22.09 -19.62 12.39
N THR F 172 -22.34 -20.23 13.54
CA THR F 172 -23.69 -20.32 14.11
C THR F 172 -23.83 -19.22 15.15
N TYR F 173 -24.61 -18.19 14.84
CA TYR F 173 -24.69 -16.99 15.65
C TYR F 173 -25.71 -17.16 16.78
N LEU F 174 -25.33 -17.98 17.77
CA LEU F 174 -26.14 -18.19 18.95
C LEU F 174 -25.30 -17.87 20.19
N TYR F 175 -25.90 -17.15 21.13
CA TYR F 175 -25.23 -16.70 22.34
C TYR F 175 -26.03 -17.15 23.56
N TRP F 176 -25.32 -17.40 24.65
CA TRP F 176 -25.91 -17.84 25.90
C TRP F 176 -25.58 -16.84 27.01
N PHE F 177 -26.57 -16.50 27.81
CA PHE F 177 -26.44 -15.55 28.90
C PHE F 177 -27.04 -16.12 30.17
N LEU F 178 -26.46 -15.73 31.30
CA LEU F 178 -26.92 -16.17 32.62
C LEU F 178 -27.27 -14.95 33.46
N GLN F 179 -28.49 -14.93 33.98
CA GLN F 179 -29.01 -13.86 34.83
C GLN F 179 -29.23 -14.44 36.22
N ARG F 180 -28.38 -14.05 37.16
CA ARG F 180 -28.50 -14.47 38.54
C ARG F 180 -29.47 -13.56 39.28
N PRO F 181 -30.07 -14.04 40.37
CA PRO F 181 -31.01 -13.20 41.13
C PRO F 181 -30.33 -11.93 41.62
N GLY F 182 -30.89 -10.80 41.22
CA GLY F 182 -30.33 -9.50 41.57
C GLY F 182 -28.97 -9.24 40.94
N GLN F 183 -28.80 -9.57 39.66
CA GLN F 183 -27.53 -9.42 38.99
C GLN F 183 -27.76 -9.15 37.52
N SER F 184 -26.75 -8.59 36.86
CA SER F 184 -26.79 -8.35 35.44
C SER F 184 -26.50 -9.63 34.66
N PRO F 185 -27.00 -9.75 33.42
CA PRO F 185 -26.69 -10.93 32.62
C PRO F 185 -25.21 -11.01 32.29
N GLN F 186 -24.72 -12.25 32.17
CA GLN F 186 -23.31 -12.52 31.92
C GLN F 186 -23.18 -13.51 30.77
N LEU F 187 -22.25 -13.23 29.86
CA LEU F 187 -22.04 -14.09 28.71
C LEU F 187 -21.42 -15.41 29.14
N LEU F 188 -21.91 -16.50 28.54
CA LEU F 188 -21.38 -17.84 28.80
C LEU F 188 -20.77 -18.46 27.55
N ILE F 189 -21.51 -18.51 26.45
CA ILE F 189 -21.06 -19.09 25.19
C ILE F 189 -21.39 -18.11 24.08
N TYR F 190 -20.43 -17.84 23.21
CA TYR F 190 -20.66 -17.00 22.04
C TYR F 190 -20.43 -17.80 20.78
N ARG F 191 -21.35 -17.67 19.82
CA ARG F 191 -21.34 -18.41 18.56
C ARG F 191 -21.43 -19.92 18.78
N MET F 192 -22.19 -20.32 19.80
CA MET F 192 -22.71 -21.68 19.98
C MET F 192 -21.66 -22.70 20.40
N SER F 193 -20.38 -22.34 20.32
CA SER F 193 -19.33 -23.29 20.69
C SER F 193 -18.19 -22.72 21.51
N ASN F 194 -18.08 -21.40 21.61
CA ASN F 194 -16.90 -20.77 22.20
C ASN F 194 -17.20 -20.32 23.62
N LEU F 195 -16.31 -20.66 24.55
CA LEU F 195 -16.51 -20.39 25.96
C LEU F 195 -15.87 -19.06 26.33
N ALA F 196 -16.64 -18.20 27.01
CA ALA F 196 -16.17 -16.87 27.35
C ALA F 196 -15.08 -16.93 28.42
N SER F 197 -14.28 -15.86 28.48
CA SER F 197 -13.19 -15.80 29.44
C SER F 197 -13.72 -15.67 30.86
N GLY F 198 -13.09 -16.39 31.78
CA GLY F 198 -13.50 -16.37 33.18
C GLY F 198 -14.65 -17.29 33.52
N VAL F 199 -15.20 -18.00 32.54
CA VAL F 199 -16.33 -18.90 32.76
C VAL F 199 -15.78 -20.31 32.96
N PRO F 200 -16.27 -21.05 33.95
CA PRO F 200 -15.72 -22.39 34.20
C PRO F 200 -15.90 -23.31 32.99
N ASP F 201 -14.95 -24.23 32.84
CA ASP F 201 -14.91 -25.14 31.69
C ASP F 201 -16.05 -26.15 31.68
N ARG F 202 -16.80 -26.28 32.78
CA ARG F 202 -17.91 -27.24 32.80
C ARG F 202 -19.02 -26.83 31.85
N PHE F 203 -19.21 -25.53 31.62
CA PHE F 203 -20.19 -25.09 30.64
C PHE F 203 -19.75 -25.46 29.24
N SER F 204 -20.68 -25.98 28.44
CA SER F 204 -20.42 -26.33 27.06
C SER F 204 -21.64 -26.02 26.22
N GLY F 205 -21.42 -25.78 24.94
CA GLY F 205 -22.52 -25.51 24.03
C GLY F 205 -22.43 -26.29 22.74
N SER F 206 -23.53 -26.91 22.33
CA SER F 206 -23.53 -27.69 21.10
C SER F 206 -24.92 -27.69 20.48
N GLY F 207 -24.96 -27.65 19.16
CA GLY F 207 -26.25 -27.64 18.49
C GLY F 207 -26.10 -27.96 17.02
N SER F 208 -27.24 -28.25 16.39
CA SER F 208 -27.30 -28.53 14.97
C SER F 208 -28.46 -27.77 14.36
N GLY F 209 -28.20 -27.05 13.28
CA GLY F 209 -29.24 -26.37 12.54
C GLY F 209 -30.07 -25.42 13.37
N THR F 210 -31.31 -25.81 13.65
CA THR F 210 -32.23 -24.98 14.40
C THR F 210 -32.26 -25.29 15.90
N ALA F 211 -31.73 -26.43 16.32
CA ALA F 211 -31.76 -26.81 17.72
C ALA F 211 -30.40 -26.61 18.36
N PHE F 212 -30.39 -26.19 19.62
CA PHE F 212 -29.14 -25.98 20.34
C PHE F 212 -29.34 -26.33 21.81
N THR F 213 -28.23 -26.62 22.49
CA THR F 213 -28.27 -26.97 23.90
C THR F 213 -27.00 -26.52 24.59
N LEU F 214 -27.13 -26.24 25.88
CA LEU F 214 -26.05 -25.87 26.77
C LEU F 214 -25.98 -26.89 27.89
N THR F 215 -24.81 -27.49 28.07
CA THR F 215 -24.60 -28.55 29.05
C THR F 215 -23.77 -28.00 30.21
N ILE F 216 -24.25 -28.26 31.42
CA ILE F 216 -23.55 -27.88 32.65
C ILE F 216 -23.23 -29.16 33.42
N SER F 217 -21.95 -29.37 33.72
CA SER F 217 -21.50 -30.53 34.45
C SER F 217 -21.02 -30.13 35.83
N ARG F 218 -21.23 -31.01 36.81
CA ARG F 218 -20.86 -30.76 38.19
C ARG F 218 -21.44 -29.44 38.68
N LEU F 219 -22.76 -29.32 38.53
CA LEU F 219 -23.43 -28.06 38.85
C LEU F 219 -23.29 -27.72 40.32
N GLU F 220 -22.90 -26.48 40.59
CA GLU F 220 -22.77 -25.96 41.95
C GLU F 220 -23.83 -24.89 42.19
N ALA F 221 -23.76 -24.27 43.36
CA ALA F 221 -24.75 -23.29 43.76
C ALA F 221 -24.65 -21.98 42.97
N GLU F 222 -23.57 -21.78 42.21
CA GLU F 222 -23.41 -20.56 41.44
C GLU F 222 -24.14 -20.58 40.10
N ASP F 223 -24.69 -21.72 39.71
CA ASP F 223 -25.39 -21.86 38.43
C ASP F 223 -26.89 -21.60 38.54
N VAL F 224 -27.39 -21.27 39.73
CA VAL F 224 -28.81 -21.00 39.89
C VAL F 224 -29.13 -19.64 39.27
N GLY F 225 -30.11 -19.62 38.38
CA GLY F 225 -30.47 -18.39 37.69
C GLY F 225 -31.33 -18.71 36.47
N VAL F 226 -31.37 -17.74 35.56
CA VAL F 226 -32.14 -17.85 34.33
C VAL F 226 -31.18 -17.84 33.15
N TYR F 227 -31.35 -18.76 32.22
CA TYR F 227 -30.48 -18.90 31.07
C TYR F 227 -31.22 -18.47 29.82
N TYR F 228 -30.62 -17.56 29.05
CA TYR F 228 -31.21 -17.02 27.83
C TYR F 228 -30.34 -17.37 26.64
N CYS F 229 -30.95 -17.67 25.50
CA CYS F 229 -30.22 -17.88 24.26
C CYS F 229 -30.73 -16.89 23.23
N MET F 230 -29.78 -16.26 22.52
CA MET F 230 -30.05 -15.13 21.66
C MET F 230 -29.40 -15.34 20.30
N GLN F 231 -30.07 -14.88 19.24
CA GLN F 231 -29.54 -14.95 17.90
C GLN F 231 -28.91 -13.62 17.50
N HIS F 232 -27.82 -13.69 16.73
CA HIS F 232 -27.17 -12.51 16.20
C HIS F 232 -27.05 -12.56 14.68
N LEU F 233 -27.82 -13.44 14.03
CA LEU F 233 -27.77 -13.53 12.58
C LEU F 233 -28.35 -12.27 11.92
N GLU F 234 -29.44 -11.74 12.47
CA GLU F 234 -30.06 -10.53 11.97
C GLU F 234 -30.31 -9.59 13.14
N TYR F 235 -30.18 -8.29 12.86
CA TYR F 235 -30.11 -7.28 13.92
C TYR F 235 -31.39 -7.10 14.73
N PRO F 236 -32.58 -7.44 14.24
CA PRO F 236 -33.71 -7.53 15.17
C PRO F 236 -33.48 -8.65 16.16
N LEU F 237 -32.56 -8.42 17.10
CA LEU F 237 -32.09 -9.47 17.98
C LEU F 237 -33.23 -9.98 18.87
N THR F 238 -33.31 -11.29 19.00
CA THR F 238 -34.39 -11.94 19.72
C THR F 238 -33.82 -12.84 20.81
N PHE F 239 -34.36 -12.71 22.01
CA PHE F 239 -33.99 -13.54 23.14
C PHE F 239 -35.04 -14.62 23.36
N GLY F 240 -34.61 -15.71 23.98
CA GLY F 240 -35.54 -16.75 24.36
C GLY F 240 -36.36 -16.36 25.58
N ALA F 241 -37.31 -17.22 25.93
CA ALA F 241 -38.16 -16.95 27.08
C ALA F 241 -37.35 -16.97 28.38
N GLY F 242 -36.38 -17.87 28.49
CA GLY F 242 -35.56 -17.96 29.68
C GLY F 242 -35.89 -19.15 30.54
N THR F 243 -34.90 -20.00 30.80
CA THR F 243 -35.09 -21.21 31.59
C THR F 243 -34.53 -20.99 32.98
N LYS F 244 -35.37 -21.19 33.99
CA LYS F 244 -34.99 -20.98 35.38
C LYS F 244 -34.54 -22.30 35.99
N LEU F 245 -33.49 -22.23 36.81
CA LEU F 245 -32.98 -23.38 37.54
C LEU F 245 -33.19 -23.15 39.03
N GLU F 246 -33.83 -24.10 39.70
CA GLU F 246 -34.14 -23.97 41.12
C GLU F 246 -33.00 -24.51 41.97
#